data_3SQB
#
_entry.id   3SQB
#
_cell.length_a   79.620
_cell.length_b   142.180
_cell.length_c   171.750
_cell.angle_alpha   90.000
_cell.angle_beta   90.000
_cell.angle_gamma   90.000
#
_symmetry.space_group_name_H-M   'P 21 21 2'
#
loop_
_entity.id
_entity.type
_entity.pdbx_description
1 polymer 'Chaperone protein fimC'
2 polymer 'Type-1 fimbrial protein, A chain'
3 non-polymer DI(HYDROXYETHYL)ETHER
4 non-polymer 1,2-ETHANEDIOL
5 non-polymer 2-AMINO-2-HYDROXYMETHYL-PROPANE-1,3-DIOL
6 water water
#
loop_
_entity_poly.entity_id
_entity_poly.type
_entity_poly.pdbx_seq_one_letter_code
_entity_poly.pdbx_strand_id
1 'polypeptide(L)'
;GVALGATRVIYPAGQKQEQLAVTNNDENSTYLIQSWVENADGVKDGRFIVTPPLFAMKGKKENTLRILDATNNQLPQDRE
SLFWMNVKAIPSMDKSKLTENTLQLAIISRIKLYYRPAKLALPPDQAAEKLRFRRSANSLTLINPTPYYLTVTELNAGTR
VLENALVPPMGESTVKLPSDAGSNITYRTINDYGALTPKMTGVMEHHHHHH
;
A,C,E,G
2 'polypeptide(L)'
;HHHHHHGEVVNAACAVDAGSVDQTVQLGQVRTASLAQEGATSSAVGFNIQLNDCDTNVASKAAVAFLGTAIDAGHTNVLA
LQSSAAGSATNVGVQILDRTGAALTLDGATFSSETTLNNGTNTIPFQARYFATGAATPGAANADATFKVQYQ
;
B,D,F,H
#
# COMPACT_ATOMS: atom_id res chain seq x y z
N GLY A 1 -5.39 35.21 16.75
CA GLY A 1 -4.75 34.03 16.19
C GLY A 1 -5.73 32.98 15.73
N VAL A 2 -5.30 32.13 14.80
CA VAL A 2 -6.17 31.07 14.29
C VAL A 2 -5.76 29.70 14.82
N ALA A 3 -6.75 28.87 15.12
CA ALA A 3 -6.52 27.50 15.55
C ALA A 3 -7.30 26.49 14.71
N LEU A 4 -6.82 25.24 14.68
CA LEU A 4 -7.58 24.14 14.08
C LEU A 4 -8.58 23.57 15.10
N GLY A 5 -9.56 22.82 14.61
CA GLY A 5 -10.56 22.22 15.47
C GLY A 5 -10.13 20.91 16.14
N ALA A 6 -8.98 20.38 15.73
CA ALA A 6 -8.51 19.11 16.28
C ALA A 6 -6.99 19.04 16.31
N THR A 7 -6.47 18.06 17.06
CA THR A 7 -5.03 17.84 17.17
C THR A 7 -4.61 16.75 16.19
N ARG A 8 -5.59 16.03 15.67
CA ARG A 8 -5.33 14.94 14.73
C ARG A 8 -6.57 14.67 13.91
N VAL A 9 -6.40 13.90 12.84
CA VAL A 9 -7.52 13.57 11.98
C VAL A 9 -7.43 12.10 11.61
N ILE A 10 -8.47 11.34 11.94
CA ILE A 10 -8.52 9.94 11.51
C ILE A 10 -9.34 9.84 10.24
N TYR A 11 -8.70 9.41 9.16
CA TYR A 11 -9.40 9.21 7.90
C TYR A 11 -9.70 7.74 7.70
N PRO A 12 -10.93 7.32 8.01
CA PRO A 12 -11.36 5.96 7.68
C PRO A 12 -11.43 5.78 6.17
N ALA A 13 -10.80 4.72 5.67
CA ALA A 13 -10.86 4.41 4.25
C ALA A 13 -12.31 4.20 3.83
N GLY A 14 -12.61 4.52 2.57
CA GLY A 14 -13.96 4.44 2.06
C GLY A 14 -14.67 5.77 2.15
N GLN A 15 -14.28 6.57 3.15
CA GLN A 15 -14.83 7.90 3.34
C GLN A 15 -14.44 8.77 2.16
N LYS A 16 -15.37 9.58 1.66
CA LYS A 16 -15.09 10.45 0.51
C LYS A 16 -14.34 11.70 0.94
N GLN A 17 -14.65 12.19 2.12
CA GLN A 17 -14.03 13.41 2.64
C GLN A 17 -14.10 13.45 4.14
N GLU A 18 -13.30 14.33 4.74
CA GLU A 18 -13.33 14.58 6.18
C GLU A 18 -13.21 16.07 6.39
N GLN A 19 -13.82 16.58 7.46
CA GLN A 19 -13.77 18.00 7.70
C GLN A 19 -12.81 18.36 8.83
N LEU A 20 -12.23 19.55 8.75
CA LEU A 20 -11.34 20.06 9.79
C LEU A 20 -11.57 21.56 9.96
N ALA A 21 -11.98 21.96 11.15
CA ALA A 21 -12.35 23.35 11.38
C ALA A 21 -11.14 24.24 11.54
N VAL A 22 -11.26 25.47 11.03
CA VAL A 22 -10.23 26.48 11.22
C VAL A 22 -10.92 27.74 11.72
N THR A 23 -10.41 28.29 12.81
CA THR A 23 -11.08 29.39 13.47
C THR A 23 -10.14 30.57 13.74
N ASN A 24 -10.58 31.74 13.33
CA ASN A 24 -9.88 32.98 13.61
C ASN A 24 -10.59 33.67 14.74
N ASN A 25 -9.99 33.65 15.93
CA ASN A 25 -10.61 34.18 17.14
C ASN A 25 -10.57 35.70 17.17
N ASP A 26 -9.78 36.30 16.28
CA ASP A 26 -9.64 37.75 16.27
C ASP A 26 -10.50 38.39 15.18
N GLU A 27 -11.34 39.33 15.60
CA GLU A 27 -12.25 40.02 14.69
C GLU A 27 -11.62 41.23 14.03
N ASN A 28 -10.48 41.67 14.54
CA ASN A 28 -9.86 42.89 14.07
C ASN A 28 -8.73 42.63 13.09
N SER A 29 -8.60 41.39 12.63
CA SER A 29 -7.45 40.99 11.82
C SER A 29 -7.84 40.14 10.62
N THR A 30 -6.88 39.97 9.70
CA THR A 30 -7.06 39.16 8.50
C THR A 30 -5.88 38.24 8.23
N TYR A 31 -6.17 36.96 7.99
CA TYR A 31 -5.15 35.97 7.65
C TYR A 31 -5.36 35.41 6.26
N LEU A 32 -4.28 34.89 5.68
CA LEU A 32 -4.36 34.02 4.53
C LEU A 32 -4.01 32.62 5.01
N ILE A 33 -4.93 31.70 4.80
CA ILE A 33 -4.74 30.32 5.24
C ILE A 33 -4.38 29.39 4.07
N GLN A 34 -3.16 28.87 4.09
CA GLN A 34 -2.72 27.92 3.07
C GLN A 34 -2.39 26.57 3.68
N SER A 35 -3.08 25.52 3.27
CA SER A 35 -2.95 24.22 3.92
C SER A 35 -2.66 23.10 2.92
N TRP A 36 -1.85 22.14 3.33
CA TRP A 36 -1.46 21.02 2.45
C TRP A 36 -1.10 19.79 3.26
N VAL A 37 -1.16 18.63 2.60
CA VAL A 37 -0.79 17.37 3.24
C VAL A 37 0.59 16.89 2.79
N GLU A 38 1.35 16.31 3.72
CA GLU A 38 2.61 15.69 3.39
C GLU A 38 2.53 14.25 3.82
N ASN A 39 3.41 13.41 3.32
CA ASN A 39 3.44 12.02 3.77
C ASN A 39 4.35 11.90 4.98
N ALA A 40 4.61 10.67 5.41
CA ALA A 40 5.48 10.44 6.56
C ALA A 40 6.84 11.10 6.36
N ASP A 41 7.25 11.27 5.11
CA ASP A 41 8.55 11.87 4.80
C ASP A 41 8.50 13.36 4.54
N GLY A 42 7.38 14.00 4.88
CA GLY A 42 7.23 15.42 4.69
C GLY A 42 7.16 15.83 3.23
N VAL A 43 6.94 14.85 2.36
CA VAL A 43 6.77 15.12 0.93
C VAL A 43 5.31 15.27 0.55
N LYS A 44 4.99 16.39 -0.09
CA LYS A 44 3.62 16.69 -0.47
C LYS A 44 3.22 15.87 -1.70
N ASP A 45 2.93 14.60 -1.49
CA ASP A 45 2.76 13.67 -2.61
C ASP A 45 1.36 13.66 -3.21
N GLY A 46 0.45 14.43 -2.61
CA GLY A 46 -0.89 14.59 -3.16
C GLY A 46 -1.79 13.37 -3.07
N ARG A 47 -1.45 12.46 -2.16
CA ARG A 47 -2.27 11.30 -1.84
C ARG A 47 -3.60 11.77 -1.26
N PHE A 48 -3.54 12.87 -0.52
CA PHE A 48 -4.73 13.51 0.05
C PHE A 48 -4.87 14.95 -0.46
N ILE A 49 -6.08 15.33 -0.84
CA ILE A 49 -6.33 16.65 -1.39
C ILE A 49 -7.01 17.54 -0.35
N VAL A 50 -6.47 18.72 -0.07
CA VAL A 50 -7.13 19.65 0.86
C VAL A 50 -7.77 20.83 0.14
N THR A 51 -9.03 21.10 0.42
CA THR A 51 -9.69 22.26 -0.17
C THR A 51 -10.38 23.12 0.87
N PRO A 52 -10.23 24.45 0.75
CA PRO A 52 -9.40 25.08 -0.26
C PRO A 52 -7.92 25.14 0.14
N PRO A 53 -7.03 24.90 -0.83
CA PRO A 53 -5.58 24.96 -0.59
C PRO A 53 -5.17 26.34 -0.09
N LEU A 54 -5.93 27.35 -0.47
CA LEU A 54 -5.62 28.73 -0.08
C LEU A 54 -6.88 29.57 0.00
N PHE A 55 -7.08 30.26 1.12
CA PHE A 55 -8.28 31.10 1.28
C PHE A 55 -8.10 32.15 2.39
N ALA A 56 -8.89 33.22 2.32
CA ALA A 56 -8.77 34.33 3.29
C ALA A 56 -9.73 34.25 4.48
N MET A 57 -9.24 34.60 5.67
CA MET A 57 -10.09 34.74 6.84
C MET A 57 -10.04 36.18 7.34
N LYS A 58 -11.17 36.88 7.26
CA LYS A 58 -11.25 38.25 7.77
C LYS A 58 -12.13 38.39 9.01
N GLY A 59 -11.52 38.42 10.19
CA GLY A 59 -12.25 38.62 11.43
C GLY A 59 -12.77 37.33 12.06
N LYS A 60 -13.53 37.47 13.14
CA LYS A 60 -14.12 36.33 13.83
C LYS A 60 -14.92 35.47 12.88
N LYS A 61 -14.38 34.31 12.52
CA LYS A 61 -15.06 33.40 11.62
C LYS A 61 -14.62 31.98 11.87
N GLU A 62 -15.36 31.04 11.31
CA GLU A 62 -14.93 29.66 11.30
C GLU A 62 -15.14 29.07 9.92
N ASN A 63 -14.06 28.70 9.26
CA ASN A 63 -14.16 28.04 7.97
C ASN A 63 -13.87 26.56 8.14
N THR A 64 -14.19 25.78 7.12
CA THR A 64 -13.97 24.35 7.19
C THR A 64 -13.15 23.83 6.02
N LEU A 65 -12.05 23.18 6.34
CA LEU A 65 -11.21 22.53 5.35
C LEU A 65 -11.74 21.14 5.08
N ARG A 66 -11.66 20.71 3.83
CA ARG A 66 -12.09 19.36 3.45
C ARG A 66 -10.90 18.55 2.95
N ILE A 67 -10.72 17.37 3.53
CA ILE A 67 -9.63 16.48 3.18
C ILE A 67 -10.19 15.29 2.42
N LEU A 68 -9.64 15.06 1.23
CA LEU A 68 -10.17 14.03 0.34
C LEU A 68 -9.16 12.92 0.05
N ASP A 69 -9.61 11.69 0.25
CA ASP A 69 -8.81 10.53 -0.08
C ASP A 69 -8.71 10.39 -1.59
N ALA A 70 -7.50 10.47 -2.12
CA ALA A 70 -7.26 10.27 -3.54
C ALA A 70 -6.09 9.31 -3.73
N THR A 71 -6.01 8.32 -2.84
CA THR A 71 -4.87 7.41 -2.82
C THR A 71 -5.04 6.29 -3.83
N ASN A 72 -6.20 6.25 -4.49
CA ASN A 72 -6.48 5.19 -5.44
C ASN A 72 -6.52 3.80 -4.77
N ASN A 73 -6.72 3.78 -3.46
CA ASN A 73 -6.79 2.53 -2.71
C ASN A 73 -5.50 1.72 -2.69
N GLN A 74 -4.38 2.41 -2.91
CA GLN A 74 -3.10 1.72 -2.99
C GLN A 74 -2.27 1.77 -1.69
N LEU A 75 -2.81 2.43 -0.67
CA LEU A 75 -2.19 2.41 0.66
C LEU A 75 -2.41 1.03 1.27
N PRO A 76 -1.49 0.62 2.17
CA PRO A 76 -1.65 -0.63 2.91
C PRO A 76 -3.02 -0.71 3.56
N GLN A 77 -3.64 -1.89 3.54
CA GLN A 77 -4.98 -2.06 4.06
C GLN A 77 -4.97 -2.91 5.32
N ASP A 78 -3.78 -3.10 5.90
CA ASP A 78 -3.66 -3.95 7.08
C ASP A 78 -3.25 -3.13 8.30
N ARG A 79 -2.89 -1.88 8.09
CA ARG A 79 -2.32 -1.05 9.14
C ARG A 79 -2.50 0.43 8.84
N GLU A 80 -2.44 1.26 9.87
CA GLU A 80 -2.55 2.70 9.67
C GLU A 80 -1.37 3.23 8.85
N SER A 81 -1.58 4.36 8.19
CA SER A 81 -0.55 4.99 7.38
C SER A 81 -0.51 6.48 7.72
N LEU A 82 0.69 6.97 8.03
CA LEU A 82 0.86 8.30 8.58
C LEU A 82 1.04 9.40 7.53
N PHE A 83 0.29 10.49 7.70
CA PHE A 83 0.45 11.70 6.89
C PHE A 83 0.40 12.90 7.81
N TRP A 84 0.63 14.08 7.26
CA TRP A 84 0.62 15.31 8.04
C TRP A 84 -0.21 16.39 7.38
N MET A 85 -1.12 16.96 8.15
CA MET A 85 -1.89 18.12 7.75
C MET A 85 -1.12 19.36 8.20
N ASN A 86 -0.89 20.28 7.28
CA ASN A 86 -0.16 21.51 7.57
C ASN A 86 -1.02 22.71 7.22
N VAL A 87 -1.48 23.44 8.23
CA VAL A 87 -2.25 24.66 7.96
C VAL A 87 -1.45 25.91 8.35
N LYS A 88 -1.12 26.72 7.35
CA LYS A 88 -0.31 27.91 7.55
C LYS A 88 -1.12 29.20 7.54
N ALA A 89 -1.14 29.88 8.68
CA ALA A 89 -1.81 31.15 8.85
C ALA A 89 -0.83 32.31 8.65
N ILE A 90 -1.13 33.17 7.68
CA ILE A 90 -0.27 34.30 7.35
C ILE A 90 -0.97 35.64 7.59
N PRO A 91 -0.46 36.44 8.54
CA PRO A 91 -1.04 37.76 8.78
C PRO A 91 -1.03 38.62 7.53
N SER A 92 -1.81 39.69 7.52
CA SER A 92 -1.80 40.64 6.41
C SER A 92 -2.22 42.04 6.85
N MET A 93 -1.31 43.00 6.71
CA MET A 93 -1.58 44.38 7.07
C MET A 93 -1.43 45.31 5.88
N LEU A 98 1.62 51.44 7.32
CA LEU A 98 2.53 50.47 7.94
C LEU A 98 3.76 51.13 8.57
N THR A 99 3.94 50.91 9.87
CA THR A 99 5.13 51.35 10.59
C THR A 99 6.27 50.37 10.33
N GLU A 100 7.49 50.90 10.18
CA GLU A 100 8.62 50.08 9.77
C GLU A 100 9.37 49.42 10.93
N ASN A 101 10.27 48.50 10.56
CA ASN A 101 11.07 47.77 11.52
C ASN A 101 10.28 46.85 12.44
N THR A 102 9.91 45.69 11.91
CA THR A 102 9.24 44.66 12.70
C THR A 102 9.50 43.27 12.15
N LEU A 103 9.34 42.26 13.01
CA LEU A 103 9.37 40.89 12.58
C LEU A 103 7.92 40.43 12.34
N GLN A 104 7.61 40.09 11.09
CA GLN A 104 6.30 39.55 10.75
C GLN A 104 6.32 38.04 10.93
N LEU A 105 5.27 37.47 11.51
CA LEU A 105 5.25 36.03 11.77
C LEU A 105 4.04 35.27 11.20
N ALA A 106 4.30 34.18 10.49
CA ALA A 106 3.25 33.24 10.11
C ALA A 106 3.34 31.99 10.98
N ILE A 107 2.18 31.38 11.23
CA ILE A 107 2.14 30.21 12.10
C ILE A 107 1.76 28.97 11.31
N ILE A 108 2.40 27.85 11.60
CA ILE A 108 2.00 26.58 10.99
C ILE A 108 1.52 25.62 12.05
N SER A 109 0.32 25.11 11.86
CA SER A 109 -0.16 24.04 12.71
C SER A 109 -0.02 22.73 11.95
N ARG A 110 0.81 21.85 12.48
CA ARG A 110 1.07 20.56 11.84
C ARG A 110 0.47 19.44 12.70
N ILE A 111 -0.53 18.75 12.18
CA ILE A 111 -1.17 17.67 12.93
C ILE A 111 -1.12 16.34 12.17
N LYS A 112 -1.22 15.24 12.90
CA LYS A 112 -1.22 13.91 12.27
C LYS A 112 -2.52 13.59 11.52
N LEU A 113 -2.36 13.03 10.33
CA LEU A 113 -3.46 12.54 9.52
C LEU A 113 -3.29 11.04 9.33
N TYR A 114 -4.11 10.27 10.02
CA TYR A 114 -3.97 8.83 10.03
C TYR A 114 -4.92 8.15 9.04
N TYR A 115 -4.37 7.52 8.01
CA TYR A 115 -5.21 6.74 7.12
C TYR A 115 -5.51 5.37 7.73
N ARG A 116 -6.77 5.13 8.06
CA ARG A 116 -7.15 3.92 8.77
C ARG A 116 -8.02 3.01 7.92
N PRO A 117 -7.50 1.83 7.57
CA PRO A 117 -8.25 0.86 6.78
C PRO A 117 -9.55 0.46 7.46
N ALA A 118 -10.38 -0.31 6.77
CA ALA A 118 -11.63 -0.79 7.34
C ALA A 118 -11.49 -2.25 7.78
N LYS A 119 -12.53 -2.76 8.45
CA LYS A 119 -12.58 -4.16 8.86
C LYS A 119 -11.36 -4.57 9.67
N LEU A 120 -10.86 -3.65 10.49
CA LEU A 120 -9.75 -3.93 11.39
C LEU A 120 -10.22 -4.80 12.55
N ALA A 121 -9.35 -5.68 13.01
CA ALA A 121 -9.70 -6.65 14.05
C ALA A 121 -9.74 -6.02 15.45
N LEU A 122 -8.59 -5.49 15.89
CA LEU A 122 -8.48 -4.94 17.24
C LEU A 122 -9.12 -3.56 17.36
N PRO A 123 -10.19 -3.45 18.17
CA PRO A 123 -10.85 -2.16 18.38
C PRO A 123 -9.87 -1.13 18.89
N PRO A 124 -10.03 0.13 18.47
CA PRO A 124 -9.11 1.20 18.84
C PRO A 124 -9.16 1.51 20.34
N ASP A 125 -10.24 1.12 21.02
CA ASP A 125 -10.40 1.38 22.45
C ASP A 125 -9.26 0.78 23.29
N GLN A 126 -8.76 -0.38 22.84
CA GLN A 126 -7.86 -1.18 23.66
C GLN A 126 -6.52 -1.47 22.97
N ALA A 127 -5.94 -0.46 22.34
CA ALA A 127 -4.69 -0.65 21.60
C ALA A 127 -3.46 -0.41 22.48
N ALA A 128 -3.45 0.73 23.17
CA ALA A 128 -2.35 1.07 24.05
C ALA A 128 -1.99 -0.06 25.02
N GLU A 129 -3.03 -0.72 25.54
CA GLU A 129 -2.86 -1.78 26.54
C GLU A 129 -2.01 -2.94 26.06
N LYS A 130 -1.54 -2.85 24.82
CA LYS A 130 -0.74 -3.91 24.23
C LYS A 130 0.73 -3.54 24.11
N LEU A 131 1.07 -2.32 24.49
CA LEU A 131 2.44 -1.85 24.35
C LEU A 131 3.41 -2.73 25.13
N ARG A 132 4.50 -3.13 24.48
CA ARG A 132 5.51 -3.95 25.14
C ARG A 132 6.84 -3.21 25.15
N PHE A 133 7.70 -3.61 26.09
CA PHE A 133 8.98 -2.93 26.26
C PHE A 133 10.16 -3.90 26.23
N ARG A 134 11.32 -3.35 25.86
CA ARG A 134 12.54 -4.12 25.78
C ARG A 134 13.72 -3.24 26.19
N ARG A 135 14.14 -3.38 27.45
CA ARG A 135 15.23 -2.54 27.97
C ARG A 135 16.59 -3.03 27.47
N SER A 136 17.55 -2.11 27.39
CA SER A 136 18.87 -2.44 26.87
C SER A 136 19.97 -1.53 27.40
N ALA A 137 20.26 -1.66 28.69
CA ALA A 137 21.45 -1.04 29.28
C ALA A 137 21.47 0.50 29.21
N ASN A 138 20.94 1.05 28.13
CA ASN A 138 20.96 2.50 27.94
C ASN A 138 19.96 2.91 26.89
N SER A 139 19.00 2.02 26.62
CA SER A 139 18.01 2.27 25.58
C SER A 139 16.77 1.40 25.77
N LEU A 140 15.61 2.04 25.81
CA LEU A 140 14.36 1.33 25.94
C LEU A 140 13.67 1.22 24.57
N THR A 141 13.30 0.00 24.19
CA THR A 141 12.62 -0.23 22.92
C THR A 141 11.16 -0.56 23.14
N LEU A 142 10.29 0.28 22.56
CA LEU A 142 8.85 0.12 22.66
C LEU A 142 8.34 -0.70 21.48
N ILE A 143 7.57 -1.76 21.75
CA ILE A 143 7.05 -2.61 20.67
C ILE A 143 5.54 -2.52 20.51
N ASN A 144 5.11 -2.12 19.31
CA ASN A 144 3.70 -1.93 19.00
C ASN A 144 3.20 -2.92 17.96
N PRO A 145 2.50 -3.96 18.41
CA PRO A 145 2.02 -5.06 17.57
C PRO A 145 0.67 -4.74 16.94
N THR A 146 0.24 -3.49 17.08
CA THR A 146 -1.09 -3.06 16.64
C THR A 146 -1.04 -2.36 15.29
N PRO A 147 -2.10 -2.49 14.48
CA PRO A 147 -2.17 -1.77 13.19
C PRO A 147 -2.36 -0.27 13.40
N TYR A 148 -2.31 0.18 14.66
CA TYR A 148 -2.50 1.58 14.95
C TYR A 148 -1.19 2.28 15.32
N TYR A 149 -1.06 3.54 14.95
CA TYR A 149 0.09 4.34 15.32
C TYR A 149 -0.04 4.75 16.78
N LEU A 150 0.75 4.15 17.66
CA LEU A 150 0.71 4.47 19.09
C LEU A 150 1.55 5.71 19.46
N THR A 151 0.94 6.64 20.20
CA THR A 151 1.63 7.86 20.59
C THR A 151 1.92 7.89 22.10
N VAL A 152 3.13 7.44 22.45
CA VAL A 152 3.49 7.31 23.86
C VAL A 152 4.04 8.62 24.43
N THR A 153 3.53 8.99 25.60
CA THR A 153 3.91 10.24 26.23
C THR A 153 3.83 10.12 27.76
N GLU A 154 4.59 10.94 28.45
CA GLU A 154 4.73 10.80 29.90
C GLU A 154 5.24 9.40 30.18
N LEU A 155 6.24 9.00 29.41
CA LEU A 155 6.90 7.72 29.58
C LEU A 155 8.12 7.88 30.45
N ASN A 156 8.04 7.44 31.70
CA ASN A 156 9.20 7.51 32.59
C ASN A 156 9.55 6.18 33.24
N GLU A 163 12.07 10.48 27.02
CA GLU A 163 11.54 11.18 25.85
C GLU A 163 10.28 10.50 25.35
N ASN A 164 9.45 11.24 24.64
CA ASN A 164 8.24 10.68 24.04
C ASN A 164 8.56 9.74 22.89
N ALA A 165 7.54 9.07 22.37
CA ALA A 165 7.74 8.13 21.27
C ALA A 165 6.48 7.89 20.45
N LEU A 166 6.64 7.89 19.13
CA LEU A 166 5.57 7.51 18.24
C LEU A 166 5.92 6.15 17.66
N VAL A 167 5.35 5.10 18.23
CA VAL A 167 5.61 3.76 17.77
C VAL A 167 4.64 3.38 16.64
N PRO A 168 5.20 3.07 15.46
CA PRO A 168 4.43 2.75 14.27
C PRO A 168 3.78 1.38 14.39
N PRO A 169 2.64 1.18 13.71
CA PRO A 169 1.90 -0.09 13.74
C PRO A 169 2.80 -1.23 13.27
N MET A 170 2.71 -2.39 13.91
CA MET A 170 3.56 -3.53 13.58
C MET A 170 5.04 -3.18 13.61
N GLY A 171 5.39 -2.12 14.33
CA GLY A 171 6.78 -1.67 14.38
C GLY A 171 7.32 -1.53 15.79
N GLU A 172 8.49 -0.90 15.90
CA GLU A 172 9.12 -0.63 17.19
C GLU A 172 9.72 0.77 17.19
N SER A 173 10.09 1.24 18.37
CA SER A 173 10.64 2.58 18.49
C SER A 173 11.53 2.70 19.72
N THR A 174 12.78 3.10 19.52
CA THR A 174 13.74 3.14 20.62
C THR A 174 14.05 4.54 21.12
N VAL A 175 14.05 4.71 22.44
CA VAL A 175 14.42 5.95 23.09
C VAL A 175 15.65 5.72 23.98
N LYS A 176 16.53 6.71 24.06
CA LYS A 176 17.76 6.57 24.82
C LYS A 176 17.51 6.77 26.31
N ASP A 180 21.72 6.16 32.92
CA ASP A 180 21.58 5.75 34.31
C ASP A 180 20.12 5.51 34.69
N ALA A 181 19.31 5.15 33.70
CA ALA A 181 17.87 4.94 33.89
C ALA A 181 17.53 3.92 34.98
N GLY A 182 16.26 3.88 35.37
CA GLY A 182 15.81 3.05 36.47
C GLY A 182 15.28 1.68 36.08
N SER A 183 14.18 1.28 36.71
CA SER A 183 13.66 -0.08 36.58
C SER A 183 12.22 -0.09 36.10
N ASN A 184 11.30 0.15 37.04
CA ASN A 184 9.87 0.17 36.76
C ASN A 184 9.48 1.35 35.86
N ILE A 185 8.53 1.11 34.96
CA ILE A 185 8.21 2.12 33.95
C ILE A 185 6.70 2.32 33.75
N THR A 186 6.31 3.58 33.61
CA THR A 186 4.91 3.93 33.37
C THR A 186 4.79 4.79 32.14
N TYR A 187 3.57 4.87 31.60
CA TYR A 187 3.31 5.63 30.39
C TYR A 187 1.81 5.85 30.21
N ARG A 188 1.46 6.72 29.27
CA ARG A 188 0.11 6.81 28.76
C ARG A 188 0.15 7.28 27.31
N THR A 189 -1.00 7.34 26.65
CA THR A 189 -1.04 7.69 25.23
C THR A 189 -2.12 8.72 24.92
N ILE A 190 -1.98 9.36 23.77
CA ILE A 190 -2.98 10.30 23.28
C ILE A 190 -3.91 9.59 22.29
N ASN A 191 -5.17 9.40 22.67
CA ASN A 191 -6.11 8.67 21.84
C ASN A 191 -6.59 9.44 20.61
N ASP A 192 -7.54 8.85 19.88
CA ASP A 192 -8.07 9.45 18.66
C ASP A 192 -8.60 10.85 18.89
N TYR A 193 -8.98 11.12 20.13
CA TYR A 193 -9.58 12.39 20.50
C TYR A 193 -8.53 13.33 21.07
N GLY A 194 -7.29 13.15 20.65
CA GLY A 194 -6.19 13.98 21.12
C GLY A 194 -6.18 14.08 22.64
N ALA A 195 -6.85 13.13 23.28
CA ALA A 195 -6.97 13.10 24.74
C ALA A 195 -6.08 12.02 25.33
N LEU A 196 -5.86 12.08 26.65
CA LEU A 196 -4.93 11.18 27.30
C LEU A 196 -5.61 9.93 27.85
N THR A 197 -5.07 8.77 27.49
CA THR A 197 -5.54 7.52 28.06
C THR A 197 -5.04 7.49 29.50
N PRO A 198 -5.61 6.60 30.33
CA PRO A 198 -5.11 6.48 31.70
C PRO A 198 -3.66 6.00 31.71
N LYS A 199 -2.98 6.16 32.84
CA LYS A 199 -1.60 5.70 32.96
C LYS A 199 -1.54 4.18 32.98
N MET A 200 -0.46 3.63 32.45
CA MET A 200 -0.29 2.19 32.41
C MET A 200 1.14 1.84 32.79
N THR A 201 1.33 0.62 33.31
CA THR A 201 2.67 0.14 33.66
C THR A 201 3.27 -0.62 32.48
N GLY A 202 4.54 -0.36 32.20
CA GLY A 202 5.21 -1.02 31.10
C GLY A 202 5.29 -2.52 31.31
N VAL A 203 5.26 -3.28 30.22
CA VAL A 203 5.40 -4.73 30.28
C VAL A 203 6.46 -5.24 29.30
N MET A 204 7.28 -6.16 29.78
CA MET A 204 8.36 -6.72 28.98
C MET A 204 7.81 -7.80 28.04
N GLU B 8 -17.42 11.14 24.32
CA GLU B 8 -15.98 11.30 24.23
C GLU B 8 -15.61 12.44 23.26
N VAL B 9 -15.12 13.56 23.82
CA VAL B 9 -14.75 14.72 23.03
C VAL B 9 -13.25 14.81 22.73
N VAL B 10 -12.93 15.03 21.46
CA VAL B 10 -11.57 15.26 20.96
C VAL B 10 -10.98 16.62 21.39
N ASN B 11 -9.70 16.61 21.74
CA ASN B 11 -8.99 17.85 22.04
C ASN B 11 -8.76 18.66 20.78
N ALA B 12 -8.97 19.97 20.88
CA ALA B 12 -8.68 20.87 19.77
C ALA B 12 -7.31 21.45 19.96
N ALA B 13 -6.71 21.92 18.86
CA ALA B 13 -5.38 22.49 18.89
C ALA B 13 -5.42 23.91 19.43
N CYS B 14 -4.25 24.51 19.63
CA CYS B 14 -4.15 25.82 20.23
C CYS B 14 -4.29 26.94 19.20
N ALA B 15 -4.85 28.07 19.64
CA ALA B 15 -4.80 29.30 18.86
C ALA B 15 -3.51 30.03 19.21
N VAL B 16 -2.63 30.18 18.22
CA VAL B 16 -1.34 30.82 18.48
C VAL B 16 -1.37 32.33 18.27
N ASP B 17 -0.72 33.07 19.16
CA ASP B 17 -0.61 34.53 19.03
C ASP B 17 0.84 34.95 19.27
N ALA B 18 1.21 36.17 18.88
CA ALA B 18 2.57 36.64 19.15
C ALA B 18 2.60 38.10 19.58
N GLY B 19 2.09 38.37 20.77
CA GLY B 19 2.03 39.73 21.27
C GLY B 19 1.05 40.55 20.47
N SER B 20 1.57 41.29 19.49
CA SER B 20 0.71 42.08 18.61
C SER B 20 -0.32 41.18 17.95
N VAL B 21 -1.36 41.80 17.41
CA VAL B 21 -2.44 41.07 16.76
C VAL B 21 -2.11 40.84 15.29
N ASP B 22 -1.15 41.61 14.78
CA ASP B 22 -0.71 41.49 13.41
C ASP B 22 0.47 40.53 13.33
N GLN B 23 0.63 39.72 14.38
CA GLN B 23 1.78 38.83 14.52
C GLN B 23 3.08 39.57 14.26
N THR B 24 3.23 40.74 14.87
CA THR B 24 4.36 41.59 14.56
C THR B 24 5.17 41.87 15.82
N VAL B 25 6.43 42.26 15.64
CA VAL B 25 7.32 42.54 16.75
C VAL B 25 8.19 43.75 16.43
N GLN B 26 8.06 44.82 17.20
CA GLN B 26 8.84 46.03 16.93
C GLN B 26 10.30 45.85 17.28
N LEU B 27 11.16 45.92 16.27
CA LEU B 27 12.60 45.76 16.47
C LEU B 27 13.30 47.10 16.71
N GLY B 28 12.51 48.19 16.69
CA GLY B 28 13.06 49.50 16.91
C GLY B 28 14.07 49.91 15.85
N GLN B 29 14.60 51.11 15.97
CA GLN B 29 15.53 51.67 15.00
C GLN B 29 16.75 50.78 14.80
N VAL B 30 17.48 51.01 13.71
CA VAL B 30 18.75 50.31 13.51
C VAL B 30 19.96 51.27 13.50
N ARG B 31 20.54 51.46 14.68
CA ARG B 31 21.67 52.35 14.86
C ARG B 31 22.89 51.82 14.10
N THR B 32 23.02 52.26 12.86
CA THR B 32 24.01 51.72 11.93
C THR B 32 25.45 51.97 12.37
N ALA B 33 25.67 53.09 13.05
CA ALA B 33 26.99 53.40 13.60
C ALA B 33 27.36 52.44 14.72
N SER B 34 26.34 51.76 15.26
CA SER B 34 26.54 50.84 16.37
C SER B 34 26.53 49.40 15.89
N LEU B 35 26.41 49.24 14.57
CA LEU B 35 26.44 47.93 13.94
C LEU B 35 27.58 47.94 12.94
N ALA B 36 28.75 48.37 13.40
CA ALA B 36 29.89 48.64 12.52
C ALA B 36 30.53 47.40 11.91
N GLN B 37 30.68 46.32 12.68
CA GLN B 37 31.38 45.15 12.16
C GLN B 37 30.62 43.87 12.42
N GLU B 38 31.03 42.83 11.69
CA GLU B 38 30.46 41.49 11.83
C GLU B 38 30.39 41.08 13.30
N GLY B 39 29.24 40.60 13.73
CA GLY B 39 29.08 40.13 15.09
C GLY B 39 28.48 41.17 16.04
N ALA B 40 28.39 42.40 15.56
CA ALA B 40 27.73 43.45 16.34
C ALA B 40 26.25 43.14 16.43
N THR B 41 25.64 43.46 17.56
CA THR B 41 24.23 43.14 17.78
C THR B 41 23.46 44.26 18.47
N SER B 42 22.22 44.45 18.05
CA SER B 42 21.34 45.43 18.68
C SER B 42 20.88 44.90 20.03
N SER B 43 20.30 45.78 20.85
CA SER B 43 19.72 45.32 22.08
C SER B 43 18.44 44.56 21.76
N ALA B 44 18.16 43.51 22.50
CA ALA B 44 17.09 42.59 22.12
C ALA B 44 15.71 43.00 22.66
N VAL B 45 14.71 42.87 21.80
CA VAL B 45 13.32 43.14 22.12
C VAL B 45 12.58 41.83 22.37
N GLY B 46 11.95 41.72 23.53
CA GLY B 46 11.20 40.51 23.88
C GLY B 46 9.78 40.47 23.35
N PHE B 47 9.27 39.27 23.15
CA PHE B 47 7.91 39.08 22.67
C PHE B 47 7.44 37.70 23.10
N ASN B 48 6.15 37.57 23.39
CA ASN B 48 5.62 36.28 23.85
C ASN B 48 4.69 35.63 22.85
N ILE B 49 4.94 34.36 22.55
CA ILE B 49 4.00 33.57 21.78
C ILE B 49 3.01 32.91 22.73
N GLN B 50 1.73 32.93 22.38
CA GLN B 50 0.71 32.38 23.27
C GLN B 50 -0.12 31.29 22.64
N LEU B 51 -0.22 30.17 23.33
CA LEU B 51 -1.04 29.06 22.89
C LEU B 51 -2.32 29.04 23.71
N ASN B 52 -3.42 29.44 23.10
CA ASN B 52 -4.66 29.59 23.84
C ASN B 52 -5.75 28.62 23.43
N ASP B 53 -6.81 28.57 24.23
CA ASP B 53 -8.00 27.80 23.91
C ASP B 53 -7.66 26.33 23.61
N CYS B 54 -6.73 25.77 24.38
CA CYS B 54 -6.38 24.36 24.21
C CYS B 54 -5.91 23.73 25.51
N ASP B 55 -6.18 22.44 25.65
CA ASP B 55 -5.75 21.70 26.84
C ASP B 55 -4.26 21.93 27.09
N THR B 56 -3.94 22.32 28.31
CA THR B 56 -2.56 22.61 28.68
C THR B 56 -1.63 21.44 28.36
N ASN B 57 -2.21 20.24 28.30
CA ASN B 57 -1.47 19.06 27.90
C ASN B 57 -1.08 19.11 26.43
N VAL B 58 -2.00 19.56 25.58
CA VAL B 58 -1.69 19.65 24.15
C VAL B 58 -0.61 20.70 23.89
N ALA B 59 -0.67 21.81 24.61
CA ALA B 59 0.28 22.91 24.43
C ALA B 59 1.64 22.53 24.95
N SER B 60 1.70 22.08 26.21
CA SER B 60 2.97 21.70 26.80
C SER B 60 3.60 20.57 25.97
N LYS B 61 2.79 19.64 25.52
CA LYS B 61 3.30 18.50 24.76
C LYS B 61 3.81 18.86 23.36
N ALA B 62 3.20 19.86 22.74
CA ALA B 62 3.58 20.29 21.39
C ALA B 62 5.06 20.60 21.27
N ALA B 63 5.58 20.59 20.05
CA ALA B 63 6.99 20.92 19.78
C ALA B 63 7.09 22.04 18.75
N VAL B 64 7.86 23.07 19.05
CA VAL B 64 7.90 24.22 18.14
C VAL B 64 9.28 24.53 17.55
N ALA B 65 9.28 25.29 16.46
CA ALA B 65 10.52 25.76 15.84
C ALA B 65 10.31 27.02 15.02
N PHE B 66 11.41 27.61 14.57
CA PHE B 66 11.37 28.80 13.73
C PHE B 66 11.93 28.54 12.34
N LEU B 67 11.18 28.93 11.31
CA LEU B 67 11.64 28.79 9.93
C LEU B 67 11.84 30.14 9.31
N GLY B 68 12.87 30.27 8.47
CA GLY B 68 13.14 31.54 7.81
C GLY B 68 14.36 31.44 6.91
N THR B 69 14.41 32.28 5.88
CA THR B 69 15.56 32.27 4.99
C THR B 69 16.73 33.04 5.63
N ALA B 70 17.89 32.41 5.62
CA ALA B 70 19.07 33.00 6.24
C ALA B 70 19.55 34.20 5.44
N ILE B 71 20.25 35.10 6.11
CA ILE B 71 20.77 36.30 5.46
C ILE B 71 21.71 35.94 4.32
N ASP B 72 22.53 34.91 4.55
CA ASP B 72 23.46 34.41 3.54
C ASP B 72 23.97 33.05 3.99
N ALA B 73 24.66 32.35 3.11
CA ALA B 73 25.14 31.00 3.43
C ALA B 73 26.05 31.01 4.65
N GLY B 74 26.59 32.17 4.98
CA GLY B 74 27.53 32.28 6.07
C GLY B 74 26.88 32.32 7.44
N HIS B 75 25.65 32.79 7.49
CA HIS B 75 24.93 32.94 8.75
C HIS B 75 23.52 32.39 8.62
N THR B 76 23.37 31.09 8.87
CA THR B 76 22.10 30.43 8.65
C THR B 76 21.15 30.55 9.83
N ASN B 77 21.65 31.03 10.96
CA ASN B 77 20.79 31.26 12.11
C ASN B 77 20.32 32.71 12.20
N VAL B 78 20.63 33.49 11.16
CA VAL B 78 20.24 34.89 11.09
C VAL B 78 19.34 35.11 9.90
N LEU B 79 18.25 35.84 10.10
CA LEU B 79 17.26 36.03 9.04
C LEU B 79 17.71 37.06 8.03
N ALA B 80 17.44 36.78 6.76
CA ALA B 80 17.56 37.80 5.74
C ALA B 80 16.54 38.90 6.04
N LEU B 81 16.83 40.14 5.65
CA LEU B 81 15.85 41.20 5.84
C LEU B 81 14.85 41.12 4.70
N GLN B 82 13.62 41.52 4.98
CA GLN B 82 12.63 41.69 3.93
C GLN B 82 13.15 42.79 3.01
N SER B 83 13.24 42.53 1.71
CA SER B 83 13.83 43.49 0.79
C SER B 83 12.85 44.62 0.46
N SER B 84 13.39 45.83 0.38
CA SER B 84 12.59 47.02 0.17
C SER B 84 12.57 47.42 -1.30
N ALA B 85 11.66 48.32 -1.66
CA ALA B 85 11.62 48.87 -3.00
C ALA B 85 12.69 49.95 -3.13
N ALA B 86 12.83 50.76 -2.09
CA ALA B 86 13.89 51.75 -2.04
C ALA B 86 15.23 51.09 -1.78
N GLY B 87 15.19 49.83 -1.34
CA GLY B 87 16.38 49.10 -0.95
C GLY B 87 16.47 49.03 0.56
N SER B 88 16.90 47.88 1.08
CA SER B 88 16.97 47.67 2.53
C SER B 88 18.39 47.79 3.07
N ALA B 89 18.51 47.87 4.39
CA ALA B 89 19.80 47.92 5.04
C ALA B 89 20.59 46.67 4.66
N THR B 90 21.92 46.78 4.68
CA THR B 90 22.77 45.66 4.28
C THR B 90 23.75 45.26 5.38
N ASN B 91 24.16 44.00 5.34
CA ASN B 91 25.06 43.45 6.36
C ASN B 91 24.42 43.47 7.74
N VAL B 92 23.09 43.40 7.76
CA VAL B 92 22.33 43.28 9.01
C VAL B 92 21.19 42.30 8.81
N GLY B 93 20.96 41.46 9.80
CA GLY B 93 19.87 40.52 9.78
C GLY B 93 19.13 40.48 11.10
N VAL B 94 18.09 39.68 11.19
CA VAL B 94 17.39 39.51 12.45
C VAL B 94 17.64 38.13 13.02
N GLN B 95 17.83 38.10 14.33
CA GLN B 95 18.16 36.88 15.04
C GLN B 95 17.11 36.67 16.15
N ILE B 96 16.65 35.43 16.29
CA ILE B 96 15.68 35.11 17.33
C ILE B 96 16.27 34.25 18.44
N LEU B 97 16.16 34.75 19.67
CA LEU B 97 16.73 34.08 20.83
C LEU B 97 15.64 33.48 21.72
N ASP B 98 16.01 32.47 22.49
CA ASP B 98 15.12 31.91 23.49
C ASP B 98 15.13 32.76 24.76
N ARG B 99 14.34 32.35 25.75
CA ARG B 99 14.23 33.09 27.00
C ARG B 99 15.60 33.40 27.62
N THR B 100 16.64 32.73 27.13
CA THR B 100 17.95 32.82 27.76
C THR B 100 18.98 33.58 26.93
N GLY B 101 18.51 34.27 25.89
CA GLY B 101 19.40 35.06 25.05
C GLY B 101 20.16 34.25 24.03
N ALA B 102 19.97 32.94 24.05
CA ALA B 102 20.61 32.05 23.09
C ALA B 102 19.91 32.12 21.75
N ALA B 103 20.67 32.18 20.66
CA ALA B 103 20.04 32.32 19.34
C ALA B 103 19.46 31.00 18.82
N LEU B 104 18.30 31.07 18.17
CA LEU B 104 17.65 29.87 17.65
C LEU B 104 17.97 29.66 16.18
N THR B 105 18.08 28.40 15.77
CA THR B 105 18.30 28.07 14.37
C THR B 105 17.05 28.40 13.55
N LEU B 106 17.16 28.31 12.23
CA LEU B 106 16.04 28.71 11.37
C LEU B 106 15.61 27.60 10.42
N ASP B 107 15.93 26.36 10.76
CA ASP B 107 15.52 25.23 9.94
C ASP B 107 14.38 24.48 10.63
N GLY B 108 14.03 23.32 10.09
CA GLY B 108 13.00 22.49 10.69
C GLY B 108 13.46 21.86 11.98
N ALA B 109 14.48 22.48 12.60
CA ALA B 109 15.05 21.98 13.84
C ALA B 109 14.12 22.30 15.00
N THR B 110 13.18 21.40 15.26
CA THR B 110 12.14 21.63 16.26
C THR B 110 12.63 21.37 17.69
N PHE B 111 11.92 21.91 18.67
CA PHE B 111 12.23 21.68 20.09
C PHE B 111 10.98 21.84 20.95
N SER B 112 11.04 21.33 22.18
CA SER B 112 9.87 21.33 23.06
C SER B 112 9.47 22.74 23.49
N SER B 113 8.15 22.97 23.57
CA SER B 113 7.61 24.32 23.72
C SER B 113 7.93 24.99 25.06
N GLU B 114 7.89 24.23 26.15
CA GLU B 114 8.17 24.76 27.49
C GLU B 114 7.20 25.88 27.84
N THR B 115 5.91 25.63 27.66
CA THR B 115 4.87 26.60 27.91
C THR B 115 4.63 26.72 29.40
N THR B 116 4.22 27.92 29.84
CA THR B 116 3.81 28.12 31.23
C THR B 116 2.39 28.66 31.27
N LEU B 117 1.59 28.18 32.22
CA LEU B 117 0.24 28.72 32.43
C LEU B 117 0.29 30.13 33.03
N ASN B 118 1.28 30.90 32.61
CA ASN B 118 1.40 32.29 33.01
C ASN B 118 0.36 33.15 32.30
N ASN B 119 -0.46 33.84 33.08
CA ASN B 119 -1.58 34.62 32.55
C ASN B 119 -2.72 33.71 32.08
N GLY B 120 -3.07 32.72 32.90
CA GLY B 120 -4.14 31.79 32.60
C GLY B 120 -4.07 31.06 31.27
N THR B 121 -2.98 31.26 30.53
CA THR B 121 -2.83 30.71 29.17
C THR B 121 -1.39 30.25 28.93
N ASN B 122 -1.17 29.33 27.98
CA ASN B 122 0.15 28.74 27.83
C ASN B 122 1.10 29.57 26.99
N THR B 123 1.97 30.32 27.64
CA THR B 123 2.82 31.27 26.94
C THR B 123 4.32 30.90 26.93
N ILE B 124 4.99 31.25 25.83
CA ILE B 124 6.43 31.06 25.68
C ILE B 124 7.13 32.36 25.31
N PRO B 125 8.13 32.75 26.10
CA PRO B 125 8.88 33.99 25.86
C PRO B 125 9.93 33.81 24.78
N PHE B 126 10.20 34.88 24.04
CA PHE B 126 11.27 34.90 23.05
C PHE B 126 11.88 36.29 22.93
N GLN B 127 12.97 36.39 22.19
CA GLN B 127 13.63 37.66 21.96
C GLN B 127 14.00 37.80 20.49
N ALA B 128 14.13 39.03 20.02
CA ALA B 128 14.59 39.30 18.67
C ALA B 128 15.55 40.48 18.67
N ARG B 129 16.61 40.39 17.87
CA ARG B 129 17.58 41.49 17.80
C ARG B 129 18.19 41.55 16.43
N TYR B 130 18.96 42.60 16.17
CA TYR B 130 19.69 42.72 14.91
C TYR B 130 21.08 42.14 15.06
N PHE B 131 21.53 41.38 14.07
CA PHE B 131 22.88 40.84 14.04
C PHE B 131 23.64 41.38 12.82
N ALA B 132 24.81 41.96 13.07
CA ALA B 132 25.62 42.52 12.00
C ALA B 132 26.36 41.42 11.29
N THR B 133 26.59 41.64 10.00
CA THR B 133 27.21 40.64 9.16
C THR B 133 28.42 41.29 8.54
N GLY B 134 28.44 42.62 8.68
CA GLY B 134 29.55 43.45 8.28
C GLY B 134 29.18 44.84 8.75
N ALA B 135 29.61 45.87 8.03
CA ALA B 135 29.18 47.22 8.34
C ALA B 135 27.73 47.35 7.92
N ALA B 136 26.87 47.75 8.85
CA ALA B 136 25.49 48.02 8.51
C ALA B 136 25.40 49.23 7.59
N THR B 137 24.42 49.22 6.70
CA THR B 137 24.14 50.37 5.87
C THR B 137 22.66 50.66 5.97
N PRO B 138 22.29 51.94 6.12
CA PRO B 138 20.91 52.31 6.34
C PRO B 138 19.96 51.63 5.38
N GLY B 139 18.79 51.29 5.88
CA GLY B 139 17.72 50.79 5.04
C GLY B 139 16.57 50.21 5.85
N ALA B 140 15.39 50.17 5.24
CA ALA B 140 14.27 49.47 5.85
C ALA B 140 14.76 48.11 6.27
N ALA B 141 14.47 47.72 7.52
CA ALA B 141 14.94 46.44 8.03
C ALA B 141 13.84 45.55 8.63
N ASN B 142 12.73 45.40 7.92
CA ASN B 142 11.71 44.43 8.29
C ASN B 142 12.24 43.02 8.12
N ALA B 143 11.49 42.03 8.61
CA ALA B 143 11.88 40.63 8.52
C ALA B 143 10.68 39.70 8.77
N ASP B 144 10.72 38.51 8.15
CA ASP B 144 9.64 37.55 8.27
C ASP B 144 10.12 36.21 8.81
N ALA B 145 9.22 35.51 9.49
CA ALA B 145 9.49 34.16 9.96
C ALA B 145 8.21 33.36 10.26
N THR B 146 8.22 32.10 9.86
CA THR B 146 7.17 31.14 10.20
C THR B 146 7.50 30.45 11.49
N PHE B 147 6.54 30.48 12.42
CA PHE B 147 6.62 29.69 13.65
C PHE B 147 5.89 28.41 13.32
N LYS B 148 6.52 27.28 13.61
CA LYS B 148 5.86 26.00 13.33
C LYS B 148 5.60 25.21 14.61
N VAL B 149 4.32 24.89 14.81
CA VAL B 149 3.89 24.08 15.95
C VAL B 149 3.44 22.70 15.50
N GLN B 150 4.19 21.68 15.88
CA GLN B 150 3.82 20.31 15.54
C GLN B 150 3.25 19.59 16.76
N TYR B 151 2.08 18.99 16.55
CA TYR B 151 1.33 18.37 17.64
C TYR B 151 1.63 16.89 17.81
N GLN B 152 1.66 16.46 19.06
CA GLN B 152 1.69 15.04 19.39
C GLN B 152 0.29 14.49 19.22
N GLY C 1 5.36 1.19 -33.24
CA GLY C 1 6.52 1.38 -32.39
C GLY C 1 7.68 2.01 -33.13
N VAL C 2 7.87 3.30 -32.93
CA VAL C 2 8.86 4.10 -33.66
C VAL C 2 10.12 4.30 -32.82
N ALA C 3 11.30 4.23 -33.46
CA ALA C 3 12.56 4.36 -32.74
C ALA C 3 13.66 4.97 -33.58
N LEU C 4 14.51 5.77 -32.93
CA LEU C 4 15.69 6.35 -33.55
C LEU C 4 16.85 5.36 -33.63
N GLY C 5 17.64 5.46 -34.70
CA GLY C 5 18.75 4.56 -34.91
C GLY C 5 19.91 4.75 -33.95
N ALA C 6 19.88 5.81 -33.16
CA ALA C 6 20.97 6.08 -32.23
C ALA C 6 20.47 6.74 -30.96
N THR C 7 21.33 6.76 -29.93
CA THR C 7 21.01 7.39 -28.66
C THR C 7 21.57 8.80 -28.63
N ARG C 8 22.48 9.08 -29.55
CA ARG C 8 23.14 10.37 -29.63
C ARG C 8 23.65 10.61 -31.04
N VAL C 9 24.00 11.85 -31.34
CA VAL C 9 24.53 12.17 -32.66
C VAL C 9 25.72 13.12 -32.51
N ILE C 10 26.88 12.69 -32.98
CA ILE C 10 28.04 13.56 -32.99
C ILE C 10 28.14 14.27 -34.34
N TYR C 11 28.04 15.58 -34.33
CA TYR C 11 28.16 16.36 -35.54
C TYR C 11 29.54 16.98 -35.58
N PRO C 12 30.46 16.36 -36.34
CA PRO C 12 31.77 16.96 -36.60
C PRO C 12 31.63 18.22 -37.45
N ALA C 13 32.21 19.32 -36.98
CA ALA C 13 32.17 20.56 -37.75
C ALA C 13 32.80 20.36 -39.13
N GLY C 14 32.33 21.12 -40.10
CA GLY C 14 32.79 20.97 -41.47
C GLY C 14 31.90 20.04 -42.27
N GLN C 15 31.28 19.09 -41.57
CA GLN C 15 30.33 18.18 -42.17
C GLN C 15 29.11 18.95 -42.65
N LYS C 16 28.62 18.63 -43.84
CA LYS C 16 27.46 19.33 -44.40
C LYS C 16 26.15 18.79 -43.84
N GLN C 17 26.12 17.51 -43.54
CA GLN C 17 24.92 16.90 -43.01
C GLN C 17 25.27 15.63 -42.25
N GLU C 18 24.32 15.16 -41.45
CA GLU C 18 24.44 13.90 -40.74
C GLU C 18 23.12 13.17 -40.81
N GLN C 19 23.14 11.85 -40.84
CA GLN C 19 21.90 11.09 -40.95
C GLN C 19 21.48 10.47 -39.62
N LEU C 20 20.18 10.30 -39.44
CA LEU C 20 19.66 9.67 -38.24
C LEU C 20 18.44 8.84 -38.62
N ALA C 21 18.51 7.53 -38.39
CA ALA C 21 17.45 6.63 -38.84
C ALA C 21 16.23 6.69 -37.94
N VAL C 22 15.06 6.54 -38.56
CA VAL C 22 13.81 6.44 -37.83
C VAL C 22 13.05 5.22 -38.36
N THR C 23 12.62 4.36 -37.45
CA THR C 23 12.04 3.09 -37.86
C THR C 23 10.73 2.73 -37.14
N ASN C 24 9.82 2.06 -37.84
CA ASN C 24 8.58 1.57 -37.23
C ASN C 24 8.49 0.04 -37.27
N ASN C 25 7.82 -0.54 -36.27
CA ASN C 25 7.60 -1.98 -36.20
C ASN C 25 6.25 -2.37 -36.77
N ASP C 26 5.25 -2.39 -35.92
CA ASP C 26 3.92 -2.81 -36.31
C ASP C 26 3.58 -2.28 -37.70
N GLU C 27 3.24 -3.19 -38.60
CA GLU C 27 2.75 -2.81 -39.91
C GLU C 27 1.46 -2.02 -39.73
N ASN C 28 0.48 -2.63 -39.07
CA ASN C 28 -0.79 -1.96 -38.82
C ASN C 28 -0.68 -0.79 -37.87
N SER C 29 0.19 0.14 -38.21
CA SER C 29 0.37 1.34 -37.41
C SER C 29 0.94 2.46 -38.26
N THR C 30 0.28 3.63 -38.22
CA THR C 30 0.75 4.79 -38.94
C THR C 30 1.07 5.95 -38.01
N TYR C 31 2.12 6.69 -38.34
CA TYR C 31 2.55 7.80 -37.51
C TYR C 31 2.82 9.05 -38.33
N LEU C 32 2.74 10.20 -37.66
CA LEU C 32 3.27 11.45 -38.18
C LEU C 32 4.49 11.76 -37.35
N ILE C 33 5.63 11.90 -38.03
CA ILE C 33 6.91 12.16 -37.37
C ILE C 33 7.32 13.62 -37.54
N GLN C 34 7.33 14.36 -36.44
CA GLN C 34 7.76 15.76 -36.46
C GLN C 34 8.99 15.94 -35.58
N SER C 35 10.10 16.37 -36.17
CA SER C 35 11.36 16.44 -35.43
C SER C 35 12.00 17.81 -35.51
N TRP C 36 12.66 18.23 -34.43
CA TRP C 36 13.29 19.54 -34.37
C TRP C 36 14.47 19.54 -33.40
N VAL C 37 15.37 20.51 -33.57
CA VAL C 37 16.51 20.65 -32.68
C VAL C 37 16.28 21.78 -31.69
N GLU C 38 16.77 21.60 -30.46
CA GLU C 38 16.78 22.66 -29.47
C GLU C 38 18.20 22.86 -29.01
N ASN C 39 18.49 23.99 -28.39
CA ASN C 39 19.82 24.20 -27.84
C ASN C 39 19.89 23.67 -26.42
N ALA C 40 21.00 23.92 -25.75
CA ALA C 40 21.14 23.48 -24.37
C ALA C 40 19.97 23.95 -23.51
N ASP C 41 19.37 25.09 -23.88
CA ASP C 41 18.30 25.66 -23.08
C ASP C 41 16.91 25.25 -23.54
N GLY C 42 16.84 24.26 -24.43
CA GLY C 42 15.56 23.78 -24.92
C GLY C 42 14.89 24.76 -25.87
N VAL C 43 15.64 25.75 -26.35
CA VAL C 43 15.12 26.73 -27.31
C VAL C 43 15.43 26.33 -28.74
N LYS C 44 14.41 26.25 -29.57
CA LYS C 44 14.59 25.84 -30.95
C LYS C 44 15.16 26.99 -31.74
N ASP C 45 16.48 27.19 -31.63
CA ASP C 45 17.12 28.39 -32.19
C ASP C 45 17.51 28.27 -33.66
N GLY C 46 17.31 27.08 -34.23
CA GLY C 46 17.54 26.87 -35.64
C GLY C 46 18.99 26.91 -36.07
N ARG C 47 19.90 26.70 -35.13
CA ARG C 47 21.32 26.57 -35.45
C ARG C 47 21.57 25.28 -36.25
N PHE C 48 20.71 24.29 -36.04
CA PHE C 48 20.71 23.07 -36.85
C PHE C 48 19.36 22.87 -37.54
N ILE C 49 19.40 22.45 -38.80
CA ILE C 49 18.17 22.25 -39.56
C ILE C 49 17.91 20.76 -39.71
N VAL C 50 16.70 20.31 -39.38
CA VAL C 50 16.36 18.90 -39.58
C VAL C 50 15.30 18.68 -40.67
N THR C 51 15.60 17.80 -41.63
CA THR C 51 14.68 17.53 -42.73
C THR C 51 14.42 16.04 -42.92
N PRO C 52 13.15 15.67 -43.15
CA PRO C 52 12.02 16.61 -43.13
C PRO C 52 11.53 16.92 -41.71
N PRO C 53 11.19 18.17 -41.45
CA PRO C 53 10.66 18.59 -40.16
C PRO C 53 9.38 17.81 -39.82
N LEU C 54 8.65 17.39 -40.86
CA LEU C 54 7.39 16.70 -40.66
C LEU C 54 7.12 15.73 -41.82
N PHE C 55 6.86 14.46 -41.51
CA PHE C 55 6.60 13.46 -42.56
C PHE C 55 5.85 12.24 -42.03
N ALA C 56 5.17 11.51 -42.91
CA ALA C 56 4.38 10.34 -42.50
C ALA C 56 5.11 9.00 -42.62
N MET C 57 4.89 8.12 -41.64
CA MET C 57 5.35 6.73 -41.72
C MET C 57 4.17 5.77 -41.70
N LYS C 58 3.96 5.05 -42.79
CA LYS C 58 2.85 4.09 -42.86
C LYS C 58 3.35 2.65 -42.93
N GLY C 59 3.37 1.98 -41.78
CA GLY C 59 3.76 0.57 -41.72
C GLY C 59 5.25 0.34 -41.57
N LYS C 60 5.67 -0.93 -41.62
CA LYS C 60 7.07 -1.29 -41.53
C LYS C 60 7.92 -0.53 -42.54
N LYS C 61 8.66 0.45 -42.07
CA LYS C 61 9.53 1.24 -42.93
C LYS C 61 10.70 1.80 -42.15
N GLU C 62 11.70 2.31 -42.87
CA GLU C 62 12.76 3.06 -42.25
C GLU C 62 13.06 4.31 -43.05
N ASN C 63 12.80 5.47 -42.46
CA ASN C 63 13.13 6.72 -43.11
C ASN C 63 14.38 7.30 -42.48
N THR C 64 14.97 8.27 -43.17
CA THR C 64 16.19 8.89 -42.65
C THR C 64 16.07 10.40 -42.52
N LEU C 65 16.29 10.89 -41.30
CA LEU C 65 16.33 12.31 -41.04
C LEU C 65 17.71 12.84 -41.35
N ARG C 66 17.78 14.07 -41.85
CA ARG C 66 19.05 14.72 -42.15
C ARG C 66 19.21 15.98 -41.31
N ILE C 67 20.33 16.05 -40.59
CA ILE C 67 20.65 17.18 -39.73
C ILE C 67 21.75 18.01 -40.36
N LEU C 68 21.48 19.30 -40.53
CA LEU C 68 22.39 20.18 -41.24
C LEU C 68 22.92 21.30 -40.35
N ASP C 69 24.23 21.45 -40.36
CA ASP C 69 24.89 22.53 -39.66
C ASP C 69 24.62 23.84 -40.38
N ALA C 70 24.00 24.78 -39.67
CA ALA C 70 23.72 26.09 -40.22
C ALA C 70 24.08 27.13 -39.17
N THR C 71 25.15 26.86 -38.44
CA THR C 71 25.56 27.71 -37.32
C THR C 71 26.40 28.87 -37.79
N ASN C 72 26.70 28.91 -39.08
CA ASN C 72 27.56 29.94 -39.67
C ASN C 72 28.93 29.99 -39.00
N ASN C 73 29.35 28.85 -38.44
CA ASN C 73 30.67 28.73 -37.84
C ASN C 73 30.90 29.60 -36.62
N GLN C 74 29.80 29.97 -35.95
CA GLN C 74 29.90 30.87 -34.82
C GLN C 74 29.86 30.17 -33.45
N LEU C 75 29.70 28.85 -33.46
CA LEU C 75 29.84 28.08 -32.22
C LEU C 75 31.30 28.03 -31.79
N PRO C 76 31.54 27.88 -30.49
CA PRO C 76 32.89 27.72 -29.96
C PRO C 76 33.62 26.63 -30.72
N GLN C 77 34.90 26.83 -30.99
CA GLN C 77 35.68 25.88 -31.76
C GLN C 77 36.73 25.22 -30.90
N ASP C 78 36.59 25.34 -29.58
CA ASP C 78 37.58 24.79 -28.66
C ASP C 78 37.00 23.65 -27.84
N ARG C 79 35.68 23.50 -27.90
CA ARG C 79 34.96 22.56 -27.03
C ARG C 79 33.62 22.15 -27.64
N GLU C 80 33.11 21.01 -27.21
CA GLU C 80 31.81 20.55 -27.69
C GLU C 80 30.70 21.50 -27.28
N SER C 81 29.63 21.48 -28.04
CA SER C 81 28.49 22.34 -27.77
C SER C 81 27.22 21.49 -27.85
N LEU C 82 26.41 21.57 -26.80
CA LEU C 82 25.26 20.68 -26.61
C LEU C 82 23.95 21.16 -27.24
N PHE C 83 23.33 20.28 -28.02
CA PHE C 83 22.01 20.50 -28.58
C PHE C 83 21.16 19.25 -28.33
N TRP C 84 19.88 19.32 -28.67
CA TRP C 84 18.98 18.19 -28.50
C TRP C 84 18.16 17.95 -29.75
N MET C 85 18.18 16.70 -30.20
CA MET C 85 17.35 16.24 -31.28
C MET C 85 16.05 15.71 -30.64
N ASN C 86 14.92 16.19 -31.14
CA ASN C 86 13.61 15.80 -30.63
C ASN C 86 12.76 15.22 -31.75
N VAL C 87 12.52 13.92 -31.72
CA VAL C 87 11.65 13.30 -32.73
C VAL C 87 10.32 12.84 -32.12
N LYS C 88 9.25 13.49 -32.56
CA LYS C 88 7.93 13.21 -32.03
C LYS C 88 7.06 12.34 -32.95
N ALA C 89 6.74 11.15 -32.46
CA ALA C 89 5.88 10.20 -33.16
C ALA C 89 4.43 10.33 -32.70
N ILE C 90 3.53 10.63 -33.65
CA ILE C 90 2.12 10.84 -33.36
C ILE C 90 1.24 9.82 -34.07
N PRO C 91 0.56 8.96 -33.31
CA PRO C 91 -0.34 7.97 -33.91
C PRO C 91 -1.41 8.65 -34.76
N SER C 92 -2.09 7.88 -35.60
CA SER C 92 -3.20 8.41 -36.39
C SER C 92 -4.17 7.31 -36.77
N MET C 93 -5.41 7.44 -36.30
CA MET C 93 -6.47 6.47 -36.61
C MET C 93 -7.64 7.13 -37.33
N GLU C 100 -14.19 7.38 -27.51
CA GLU C 100 -15.15 7.49 -26.42
C GLU C 100 -14.54 8.25 -25.25
N ASN C 101 -13.96 7.50 -24.32
CA ASN C 101 -13.22 8.06 -23.20
C ASN C 101 -11.80 7.49 -23.21
N THR C 102 -11.02 7.93 -24.18
CA THR C 102 -9.71 7.36 -24.42
C THR C 102 -8.60 8.40 -24.28
N LEU C 103 -7.48 7.98 -23.73
CA LEU C 103 -6.31 8.83 -23.60
C LEU C 103 -5.32 8.53 -24.74
N GLN C 104 -5.27 9.43 -25.72
CA GLN C 104 -4.30 9.32 -26.80
C GLN C 104 -2.95 9.74 -26.27
N LEU C 105 -1.87 9.23 -26.85
CA LEU C 105 -0.52 9.56 -26.39
C LEU C 105 0.50 9.67 -27.53
N ALA C 106 1.16 10.84 -27.64
CA ALA C 106 2.30 10.98 -28.56
C ALA C 106 3.60 10.63 -27.84
N ILE C 107 4.62 10.22 -28.58
CA ILE C 107 5.89 9.92 -27.94
C ILE C 107 6.99 10.84 -28.44
N ILE C 108 7.88 11.24 -27.54
CA ILE C 108 9.02 12.05 -27.93
C ILE C 108 10.31 11.35 -27.57
N SER C 109 11.17 11.17 -28.56
CA SER C 109 12.51 10.71 -28.28
C SER C 109 13.43 11.91 -28.32
N ARG C 110 14.13 12.14 -27.22
CA ARG C 110 15.03 13.27 -27.09
C ARG C 110 16.44 12.77 -26.89
N ILE C 111 17.31 13.02 -27.87
CA ILE C 111 18.69 12.57 -27.76
C ILE C 111 19.69 13.72 -27.89
N LYS C 112 20.89 13.53 -27.36
CA LYS C 112 21.92 14.57 -27.43
C LYS C 112 22.49 14.73 -28.82
N LEU C 113 22.68 15.99 -29.22
CA LEU C 113 23.33 16.35 -30.46
C LEU C 113 24.57 17.17 -30.14
N TYR C 114 25.74 16.56 -30.28
CA TYR C 114 26.97 17.19 -29.87
C TYR C 114 27.70 17.84 -31.05
N TYR C 115 27.81 19.16 -31.05
CA TYR C 115 28.63 19.82 -32.06
C TYR C 115 30.11 19.74 -31.67
N ARG C 116 30.88 19.02 -32.48
CA ARG C 116 32.28 18.77 -32.16
C ARG C 116 33.20 19.42 -33.16
N PRO C 117 34.00 20.40 -32.69
CA PRO C 117 34.97 21.10 -33.54
C PRO C 117 35.98 20.14 -34.14
N ALA C 118 36.81 20.64 -35.06
CA ALA C 118 37.86 19.82 -35.65
C ALA C 118 39.22 20.12 -35.02
N LYS C 119 40.22 19.32 -35.39
CA LYS C 119 41.58 19.52 -34.93
C LYS C 119 41.67 19.57 -33.40
N LEU C 120 40.86 18.75 -32.74
CA LEU C 120 40.91 18.65 -31.29
C LEU C 120 42.13 17.84 -30.87
N ALA C 121 42.71 18.21 -29.73
CA ALA C 121 43.95 17.59 -29.27
C ALA C 121 43.72 16.21 -28.67
N LEU C 122 42.92 16.14 -27.61
CA LEU C 122 42.71 14.90 -26.88
C LEU C 122 41.77 13.95 -27.59
N PRO C 123 42.29 12.79 -28.01
CA PRO C 123 41.48 11.71 -28.59
C PRO C 123 40.28 11.39 -27.69
N PRO C 124 39.08 11.28 -28.28
CA PRO C 124 37.87 10.95 -27.53
C PRO C 124 38.06 9.71 -26.65
N ASP C 125 38.86 8.75 -27.11
CA ASP C 125 39.16 7.54 -26.35
C ASP C 125 39.54 7.86 -24.90
N GLN C 126 40.39 8.86 -24.73
CA GLN C 126 41.02 9.15 -23.44
C GLN C 126 40.33 10.29 -22.68
N ALA C 127 39.03 10.44 -22.86
CA ALA C 127 38.32 11.50 -22.17
C ALA C 127 37.83 11.04 -20.80
N ALA C 128 37.22 9.86 -20.75
CA ALA C 128 36.74 9.31 -19.50
C ALA C 128 37.85 9.24 -18.43
N GLU C 129 39.02 8.76 -18.83
CA GLU C 129 40.14 8.58 -17.91
C GLU C 129 40.44 9.83 -17.06
N LYS C 130 40.05 10.99 -17.55
CA LYS C 130 40.53 12.24 -16.97
C LYS C 130 39.61 12.84 -15.91
N LEU C 131 38.49 12.19 -15.65
CA LEU C 131 37.51 12.73 -14.72
C LEU C 131 38.12 12.88 -13.33
N ARG C 132 37.91 14.05 -12.73
CA ARG C 132 38.40 14.28 -11.38
C ARG C 132 37.25 14.58 -10.43
N PHE C 133 37.48 14.37 -9.15
CA PHE C 133 36.43 14.52 -8.15
C PHE C 133 36.85 15.44 -7.01
N ARG C 134 35.84 16.03 -6.37
CA ARG C 134 36.05 16.93 -5.27
C ARG C 134 34.94 16.77 -4.26
N ARG C 135 35.17 16.00 -3.21
CA ARG C 135 34.15 15.72 -2.20
C ARG C 135 33.95 16.91 -1.26
N SER C 136 32.75 17.02 -0.71
CA SER C 136 32.43 18.15 0.14
C SER C 136 31.33 17.84 1.15
N ALA C 137 31.63 16.98 2.11
CA ALA C 137 30.78 16.80 3.28
C ALA C 137 29.38 16.26 2.97
N ASN C 138 28.82 16.65 1.83
CA ASN C 138 27.47 16.26 1.46
C ASN C 138 27.24 16.50 -0.02
N SER C 139 28.32 16.63 -0.78
CA SER C 139 28.23 16.93 -2.19
C SER C 139 29.52 16.59 -2.93
N LEU C 140 29.39 15.78 -3.97
CA LEU C 140 30.53 15.43 -4.81
C LEU C 140 30.55 16.28 -6.07
N THR C 141 31.69 16.91 -6.34
CA THR C 141 31.84 17.72 -7.53
C THR C 141 32.75 17.03 -8.54
N LEU C 142 32.21 16.79 -9.73
CA LEU C 142 32.94 16.12 -10.80
C LEU C 142 33.58 17.18 -11.68
N ILE C 143 34.88 17.04 -11.95
CA ILE C 143 35.58 18.01 -12.80
C ILE C 143 36.02 17.44 -14.15
N ASN C 144 35.55 18.06 -15.22
CA ASN C 144 35.83 17.62 -16.59
C ASN C 144 36.66 18.63 -17.38
N PRO C 145 37.97 18.36 -17.47
CA PRO C 145 38.93 19.28 -18.11
C PRO C 145 39.01 19.07 -19.62
N THR C 146 38.09 18.28 -20.16
CA THR C 146 38.10 17.88 -21.56
C THR C 146 37.12 18.71 -22.38
N PRO C 147 37.45 18.95 -23.67
CA PRO C 147 36.52 19.66 -24.56
C PRO C 147 35.31 18.81 -24.91
N TYR C 148 35.20 17.65 -24.27
CA TYR C 148 34.07 16.76 -24.53
C TYR C 148 33.05 16.76 -23.40
N TYR C 149 31.77 16.63 -23.75
CA TYR C 149 30.71 16.50 -22.78
C TYR C 149 30.74 15.10 -22.18
N LEU C 150 31.22 14.97 -20.94
CA LEU C 150 31.25 13.68 -20.26
C LEU C 150 29.91 13.27 -19.62
N THR C 151 29.49 12.03 -19.89
CA THR C 151 28.24 11.53 -19.35
C THR C 151 28.46 10.44 -18.31
N VAL C 152 28.50 10.85 -17.04
CA VAL C 152 28.81 9.94 -15.95
C VAL C 152 27.57 9.20 -15.45
N THR C 153 27.70 7.88 -15.31
CA THR C 153 26.58 7.04 -14.92
C THR C 153 27.07 5.82 -14.14
N GLU C 154 26.20 5.27 -13.30
CA GLU C 154 26.64 4.23 -12.37
C GLU C 154 27.76 4.78 -11.50
N LEU C 155 27.56 5.98 -11.01
CA LEU C 155 28.52 6.67 -10.16
C LEU C 155 28.11 6.43 -8.73
N ASN C 156 28.83 5.57 -8.02
CA ASN C 156 28.52 5.34 -6.61
C ASN C 156 29.73 5.52 -5.70
N ALA C 157 29.48 6.07 -4.50
CA ALA C 157 30.51 6.20 -3.49
C ALA C 157 30.38 5.05 -2.49
N GLY C 158 31.00 3.92 -2.81
CA GLY C 158 30.90 2.75 -1.95
C GLY C 158 29.57 2.06 -2.11
N THR C 159 28.86 1.87 -1.01
CA THR C 159 27.53 1.27 -1.06
C THR C 159 26.52 2.26 -1.65
N ARG C 160 26.72 3.54 -1.34
CA ARG C 160 25.79 4.59 -1.72
C ARG C 160 25.89 4.98 -3.19
N VAL C 161 24.99 4.46 -4.01
CA VAL C 161 24.91 4.88 -5.40
C VAL C 161 24.42 6.34 -5.51
N LEU C 162 25.14 7.13 -6.29
CA LEU C 162 24.83 8.54 -6.48
C LEU C 162 24.07 8.77 -7.78
N GLU C 163 23.47 9.95 -7.89
CA GLU C 163 22.76 10.35 -9.10
C GLU C 163 23.73 10.46 -10.26
N ASN C 164 23.20 10.37 -11.47
CA ASN C 164 24.02 10.54 -12.67
C ASN C 164 24.47 11.98 -12.85
N ALA C 165 25.32 12.22 -13.83
CA ALA C 165 25.83 13.56 -14.07
C ALA C 165 26.31 13.75 -15.51
N LEU C 166 25.93 14.89 -16.10
CA LEU C 166 26.47 15.30 -17.38
C LEU C 166 27.44 16.45 -17.13
N VAL C 167 28.72 16.16 -17.07
CA VAL C 167 29.72 17.19 -16.85
C VAL C 167 30.15 17.82 -18.18
N PRO C 168 29.92 19.12 -18.32
CA PRO C 168 30.24 19.88 -19.53
C PRO C 168 31.73 20.06 -19.69
N PRO C 169 32.19 20.19 -20.95
CA PRO C 169 33.62 20.36 -21.28
C PRO C 169 34.18 21.57 -20.58
N MET C 170 35.40 21.47 -20.07
CA MET C 170 36.04 22.56 -19.34
C MET C 170 35.19 23.04 -18.16
N GLY C 171 34.28 22.19 -17.69
CA GLY C 171 33.36 22.58 -16.64
C GLY C 171 33.34 21.63 -15.46
N GLU C 172 32.37 21.81 -14.58
CA GLU C 172 32.19 20.95 -13.43
C GLU C 172 30.72 20.65 -13.21
N SER C 173 30.43 19.68 -12.36
CA SER C 173 29.05 19.28 -12.11
C SER C 173 28.89 18.65 -10.74
N THR C 174 28.01 19.21 -9.92
CA THR C 174 27.88 18.72 -8.55
C THR C 174 26.62 17.89 -8.30
N VAL C 175 26.79 16.77 -7.61
CA VAL C 175 25.69 15.90 -7.22
C VAL C 175 25.64 15.75 -5.72
N LYS C 176 24.44 15.50 -5.22
CA LYS C 176 24.21 15.36 -3.78
C LYS C 176 24.93 14.11 -3.31
N LEU C 177 25.41 14.17 -2.07
CA LEU C 177 26.20 13.08 -1.50
C LEU C 177 25.77 12.81 -0.05
N PRO C 178 25.28 11.58 0.21
CA PRO C 178 24.89 11.21 1.57
C PRO C 178 26.08 11.26 2.50
N SER C 179 25.87 11.52 3.79
CA SER C 179 26.98 11.61 4.72
C SER C 179 27.58 10.24 5.02
N ASP C 180 26.72 9.26 5.27
CA ASP C 180 27.18 7.89 5.52
C ASP C 180 27.58 7.17 4.24
N ALA C 181 28.35 7.86 3.40
CA ALA C 181 28.76 7.29 2.12
C ALA C 181 30.21 6.79 2.14
N GLY C 182 30.48 5.79 1.30
CA GLY C 182 31.77 5.15 1.24
C GLY C 182 32.87 6.09 0.79
N SER C 183 34.11 5.69 1.10
CA SER C 183 35.30 6.46 0.78
C SER C 183 35.68 6.32 -0.69
N ASN C 184 35.70 5.08 -1.16
CA ASN C 184 35.99 4.76 -2.55
C ASN C 184 34.82 5.10 -3.45
N ILE C 185 35.11 5.68 -4.61
CA ILE C 185 34.07 5.95 -5.59
C ILE C 185 34.40 5.36 -6.97
N THR C 186 33.38 4.80 -7.61
CA THR C 186 33.54 4.24 -8.94
C THR C 186 32.52 4.84 -9.91
N TYR C 187 32.78 4.70 -11.20
CA TYR C 187 31.91 5.27 -12.22
C TYR C 187 32.23 4.66 -13.58
N ARG C 188 31.36 4.92 -14.55
CA ARG C 188 31.68 4.71 -15.97
C ARG C 188 30.89 5.70 -16.80
N THR C 189 31.11 5.71 -18.11
CA THR C 189 30.45 6.69 -18.97
C THR C 189 29.91 6.08 -20.23
N ILE C 190 29.01 6.81 -20.89
CA ILE C 190 28.43 6.38 -22.14
C ILE C 190 29.17 7.04 -23.30
N ASN C 191 29.90 6.26 -24.09
CA ASN C 191 30.73 6.81 -25.15
C ASN C 191 29.94 7.26 -26.37
N ASP C 192 30.64 7.64 -27.44
CA ASP C 192 30.01 8.18 -28.64
C ASP C 192 29.02 7.21 -29.23
N TYR C 193 29.21 5.93 -28.92
CA TYR C 193 28.38 4.88 -29.47
C TYR C 193 27.27 4.50 -28.49
N GLY C 194 26.86 5.46 -27.67
CA GLY C 194 25.83 5.23 -26.68
C GLY C 194 26.09 3.96 -25.88
N ALA C 195 27.35 3.53 -25.88
CA ALA C 195 27.75 2.31 -25.17
C ALA C 195 28.53 2.67 -23.90
N LEU C 196 28.70 1.69 -23.02
CA LEU C 196 29.32 1.94 -21.72
C LEU C 196 30.82 1.71 -21.73
N THR C 197 31.57 2.69 -21.24
CA THR C 197 33.00 2.50 -21.06
C THR C 197 33.19 1.58 -19.87
N PRO C 198 34.40 1.01 -19.70
CA PRO C 198 34.65 0.18 -18.53
C PRO C 198 34.53 0.99 -17.25
N LYS C 199 34.41 0.32 -16.12
CA LYS C 199 34.31 1.02 -14.84
C LYS C 199 35.66 1.64 -14.48
N MET C 200 35.61 2.76 -13.78
CA MET C 200 36.83 3.44 -13.37
C MET C 200 36.70 3.90 -11.93
N THR C 201 37.83 4.06 -11.24
CA THR C 201 37.84 4.54 -9.87
C THR C 201 37.99 6.06 -9.89
N GLY C 202 37.23 6.75 -9.04
CA GLY C 202 37.32 8.19 -8.97
C GLY C 202 38.68 8.66 -8.49
N VAL C 203 39.10 9.82 -8.96
CA VAL C 203 40.37 10.41 -8.51
C VAL C 203 40.16 11.86 -8.08
N MET C 204 40.64 12.21 -6.89
CA MET C 204 40.42 13.54 -6.35
C MET C 204 41.37 14.54 -6.98
N GLU C 205 41.37 15.77 -6.46
CA GLU C 205 42.17 16.83 -7.06
C GLU C 205 43.25 17.39 -6.13
N HIS C 206 43.99 18.38 -6.63
CA HIS C 206 45.05 19.04 -5.89
C HIS C 206 46.20 18.08 -5.55
N GLU D 8 32.95 0.17 -32.26
CA GLU D 8 32.50 0.95 -33.40
C GLU D 8 31.08 0.56 -33.83
N VAL D 9 30.43 -0.26 -33.02
CA VAL D 9 29.03 -0.64 -33.23
C VAL D 9 28.11 0.25 -32.40
N VAL D 10 27.07 0.80 -33.03
CA VAL D 10 26.24 1.77 -32.31
C VAL D 10 24.92 1.19 -31.79
N ASN D 11 24.60 1.52 -30.54
CA ASN D 11 23.31 1.16 -29.97
C ASN D 11 22.20 1.98 -30.59
N ALA D 12 21.08 1.32 -30.90
CA ALA D 12 19.93 2.04 -31.40
C ALA D 12 19.00 2.32 -30.24
N ALA D 13 18.15 3.33 -30.40
CA ALA D 13 17.19 3.71 -29.36
C ALA D 13 16.02 2.73 -29.32
N CYS D 14 15.14 2.91 -28.34
CA CYS D 14 14.03 1.99 -28.13
C CYS D 14 12.80 2.34 -28.95
N ALA D 15 12.05 1.32 -29.33
CA ALA D 15 10.73 1.52 -29.90
C ALA D 15 9.74 1.61 -28.74
N VAL D 16 9.11 2.76 -28.57
CA VAL D 16 8.16 2.94 -27.48
C VAL D 16 6.73 2.54 -27.86
N ASP D 17 6.03 1.87 -26.94
CA ASP D 17 4.64 1.51 -27.12
C ASP D 17 3.84 1.89 -25.89
N ALA D 18 2.54 2.11 -26.06
CA ALA D 18 1.67 2.51 -24.96
C ALA D 18 0.27 1.88 -25.07
N GLY D 19 -0.17 1.25 -23.99
CA GLY D 19 -1.48 0.63 -23.98
C GLY D 19 -1.85 0.15 -25.37
N SER D 20 -2.97 0.64 -25.89
CA SER D 20 -3.46 0.23 -27.20
C SER D 20 -2.41 0.44 -28.29
N VAL D 21 -2.66 -0.14 -29.46
CA VAL D 21 -1.73 -0.01 -30.57
C VAL D 21 -1.74 1.42 -31.13
N ASP D 22 -2.84 2.12 -30.95
CA ASP D 22 -2.91 3.51 -31.37
C ASP D 22 -2.52 4.45 -30.24
N GLN D 23 -1.61 3.97 -29.39
CA GLN D 23 -1.12 4.72 -28.24
C GLN D 23 -2.28 5.28 -27.42
N THR D 24 -3.27 4.44 -27.15
CA THR D 24 -4.47 4.89 -26.47
C THR D 24 -4.69 4.16 -25.17
N VAL D 25 -5.48 4.76 -24.29
CA VAL D 25 -5.78 4.18 -22.99
C VAL D 25 -7.24 4.44 -22.63
N GLN D 26 -8.01 3.36 -22.46
CA GLN D 26 -9.42 3.48 -22.14
C GLN D 26 -9.65 3.96 -20.71
N LEU D 27 -10.21 5.15 -20.57
CA LEU D 27 -10.46 5.74 -19.25
C LEU D 27 -11.84 5.37 -18.73
N GLY D 28 -12.61 4.65 -19.54
CA GLY D 28 -13.95 4.25 -19.16
C GLY D 28 -14.87 5.45 -18.95
N GLN D 29 -16.12 5.16 -18.61
CA GLN D 29 -17.14 6.19 -18.44
C GLN D 29 -16.76 7.24 -17.39
N VAL D 30 -17.48 8.35 -17.39
CA VAL D 30 -17.25 9.43 -16.44
C VAL D 30 -18.49 9.61 -15.58
N ARG D 31 -18.56 8.87 -14.47
CA ARG D 31 -19.70 8.93 -13.56
C ARG D 31 -19.78 10.31 -12.90
N THR D 32 -20.51 11.22 -13.54
CA THR D 32 -20.54 12.62 -13.14
C THR D 32 -21.12 12.84 -11.74
N ALA D 33 -22.07 11.99 -11.35
CA ALA D 33 -22.64 12.06 -10.01
C ALA D 33 -21.60 11.68 -8.97
N SER D 34 -20.54 11.01 -9.40
CA SER D 34 -19.49 10.54 -8.51
C SER D 34 -18.27 11.44 -8.57
N LEU D 35 -18.37 12.50 -9.36
CA LEU D 35 -17.31 13.51 -9.48
C LEU D 35 -17.90 14.85 -9.08
N ALA D 36 -18.55 14.88 -7.92
CA ALA D 36 -19.39 16.01 -7.50
C ALA D 36 -18.61 17.26 -7.12
N GLN D 37 -17.49 17.10 -6.42
CA GLN D 37 -16.74 18.26 -5.98
C GLN D 37 -15.26 18.16 -6.29
N GLU D 38 -14.58 19.31 -6.21
CA GLU D 38 -13.14 19.41 -6.42
C GLU D 38 -12.39 18.35 -5.61
N GLY D 39 -11.48 17.63 -6.25
CA GLY D 39 -10.71 16.61 -5.56
C GLY D 39 -11.26 15.20 -5.68
N ALA D 40 -12.49 15.08 -6.19
CA ALA D 40 -13.06 13.78 -6.45
C ALA D 40 -12.29 13.12 -7.60
N THR D 41 -12.14 11.80 -7.53
CA THR D 41 -11.36 11.09 -8.55
C THR D 41 -11.99 9.78 -8.96
N SER D 42 -11.88 9.46 -10.25
CA SER D 42 -12.36 8.18 -10.76
C SER D 42 -11.44 7.07 -10.31
N SER D 43 -11.86 5.82 -10.48
CA SER D 43 -10.97 4.71 -10.22
C SER D 43 -9.97 4.63 -11.35
N ALA D 44 -8.72 4.29 -11.02
CA ALA D 44 -7.63 4.42 -12.00
C ALA D 44 -7.45 3.21 -12.89
N VAL D 45 -7.23 3.48 -14.17
CA VAL D 45 -6.97 2.46 -15.17
C VAL D 45 -5.48 2.38 -15.49
N GLY D 46 -4.91 1.19 -15.36
CA GLY D 46 -3.49 1.00 -15.60
C GLY D 46 -3.15 0.80 -17.07
N PHE D 47 -1.93 1.16 -17.43
CA PHE D 47 -1.43 0.96 -18.78
C PHE D 47 0.10 0.90 -18.74
N ASN D 48 0.69 0.09 -19.62
CA ASN D 48 2.14 -0.07 -19.63
C ASN D 48 2.81 0.53 -20.85
N ILE D 49 3.85 1.33 -20.61
CA ILE D 49 4.70 1.80 -21.68
C ILE D 49 5.83 0.82 -21.88
N GLN D 50 6.14 0.49 -23.14
CA GLN D 50 7.16 -0.52 -23.41
C GLN D 50 8.28 0.01 -24.29
N LEU D 51 9.50 -0.16 -23.82
CA LEU D 51 10.70 0.16 -24.59
C LEU D 51 11.30 -1.13 -25.17
N ASN D 52 11.15 -1.30 -26.47
CA ASN D 52 11.54 -2.54 -27.11
C ASN D 52 12.69 -2.35 -28.09
N ASP D 53 13.24 -3.48 -28.54
CA ASP D 53 14.26 -3.50 -29.59
C ASP D 53 15.45 -2.58 -29.26
N CYS D 54 15.86 -2.55 -28.00
CA CYS D 54 17.00 -1.73 -27.61
C CYS D 54 17.73 -2.35 -26.43
N ASP D 55 19.03 -2.10 -26.36
CA ASP D 55 19.84 -2.61 -25.26
C ASP D 55 19.23 -2.20 -23.93
N THR D 56 19.03 -3.18 -23.04
CA THR D 56 18.42 -2.93 -21.75
C THR D 56 19.13 -1.82 -20.98
N ASN D 57 20.41 -1.61 -21.31
CA ASN D 57 21.18 -0.50 -20.75
C ASN D 57 20.68 0.85 -21.23
N VAL D 58 20.35 0.95 -22.52
CA VAL D 58 19.84 2.21 -23.07
C VAL D 58 18.48 2.54 -22.47
N ALA D 59 17.65 1.52 -22.27
CA ALA D 59 16.30 1.71 -21.75
C ALA D 59 16.34 2.07 -20.29
N SER D 60 17.01 1.24 -19.49
CA SER D 60 17.09 1.51 -18.06
C SER D 60 17.75 2.88 -17.82
N LYS D 61 18.77 3.21 -18.61
CA LYS D 61 19.49 4.46 -18.43
C LYS D 61 18.67 5.70 -18.83
N ALA D 62 17.78 5.54 -19.81
CA ALA D 62 16.96 6.66 -20.29
C ALA D 62 16.19 7.33 -19.16
N ALA D 63 15.75 8.58 -19.39
CA ALA D 63 14.95 9.32 -18.42
C ALA D 63 13.66 9.78 -19.08
N VAL D 64 12.52 9.56 -18.44
CA VAL D 64 11.23 9.91 -19.06
C VAL D 64 10.39 10.90 -18.28
N ALA D 65 9.41 11.50 -18.96
CA ALA D 65 8.47 12.43 -18.32
C ALA D 65 7.19 12.56 -19.14
N PHE D 66 6.20 13.24 -18.58
CA PHE D 66 4.95 13.46 -19.28
C PHE D 66 4.69 14.94 -19.54
N LEU D 67 4.34 15.27 -20.78
CA LEU D 67 4.01 16.64 -21.14
C LEU D 67 2.54 16.76 -21.53
N GLY D 68 1.92 17.86 -21.13
CA GLY D 68 0.52 18.09 -21.45
C GLY D 68 0.03 19.42 -20.92
N THR D 69 -1.00 19.96 -21.56
CA THR D 69 -1.56 21.24 -21.11
C THR D 69 -2.49 21.02 -19.92
N ALA D 70 -2.25 21.77 -18.84
CA ALA D 70 -3.03 21.61 -17.62
C ALA D 70 -4.47 22.06 -17.83
N ILE D 71 -5.38 21.51 -17.04
CA ILE D 71 -6.79 21.84 -17.15
C ILE D 71 -7.02 23.33 -16.92
N ASP D 72 -6.29 23.91 -15.97
CA ASP D 72 -6.34 25.34 -15.68
C ASP D 72 -5.14 25.71 -14.83
N ALA D 73 -4.91 27.00 -14.62
CA ALA D 73 -3.76 27.45 -13.85
C ALA D 73 -3.78 26.90 -12.42
N GLY D 74 -4.96 26.47 -11.97
CA GLY D 74 -5.10 25.99 -10.63
C GLY D 74 -4.64 24.56 -10.44
N HIS D 75 -4.65 23.78 -11.52
CA HIS D 75 -4.27 22.38 -11.44
C HIS D 75 -3.34 22.02 -12.58
N THR D 76 -2.04 22.23 -12.38
CA THR D 76 -1.08 22.04 -13.45
C THR D 76 -0.63 20.58 -13.61
N ASN D 77 -0.96 19.73 -12.64
CA ASN D 77 -0.63 18.32 -12.75
C ASN D 77 -1.81 17.51 -13.31
N VAL D 78 -2.86 18.22 -13.71
CA VAL D 78 -4.04 17.60 -14.29
C VAL D 78 -4.24 18.04 -15.74
N LEU D 79 -4.52 17.08 -16.61
CA LEU D 79 -4.64 17.40 -18.03
C LEU D 79 -5.97 18.06 -18.36
N ALA D 80 -5.92 19.06 -19.22
CA ALA D 80 -7.12 19.59 -19.84
C ALA D 80 -7.75 18.47 -20.67
N LEU D 81 -9.07 18.47 -20.82
CA LEU D 81 -9.71 17.49 -21.69
C LEU D 81 -9.60 17.96 -23.14
N GLN D 82 -9.50 17.01 -24.06
CA GLN D 82 -9.58 17.33 -25.47
C GLN D 82 -10.96 17.90 -25.71
N SER D 83 -11.03 19.11 -26.27
CA SER D 83 -12.32 19.77 -26.44
C SER D 83 -13.14 19.16 -27.58
N SER D 84 -14.44 19.05 -27.35
CA SER D 84 -15.34 18.42 -28.31
C SER D 84 -16.04 19.46 -29.18
N ALA D 85 -16.66 18.99 -30.26
CA ALA D 85 -17.47 19.87 -31.11
C ALA D 85 -18.82 20.10 -30.45
N ALA D 86 -19.37 19.03 -29.88
CA ALA D 86 -20.61 19.13 -29.13
C ALA D 86 -20.36 19.78 -27.77
N GLY D 87 -19.08 19.86 -27.40
CA GLY D 87 -18.69 20.36 -26.09
C GLY D 87 -18.31 19.21 -25.18
N SER D 88 -17.28 19.40 -24.37
CA SER D 88 -16.78 18.34 -23.50
C SER D 88 -17.22 18.52 -22.05
N ALA D 89 -17.06 17.47 -21.25
CA ALA D 89 -17.34 17.56 -19.82
C ALA D 89 -16.51 18.67 -19.19
N THR D 90 -17.01 19.25 -18.12
CA THR D 90 -16.32 20.37 -17.48
C THR D 90 -16.02 20.09 -16.01
N ASN D 91 -14.99 20.76 -15.49
CA ASN D 91 -14.55 20.56 -14.12
C ASN D 91 -14.04 19.14 -13.91
N VAL D 92 -13.53 18.54 -14.97
CA VAL D 92 -12.91 17.23 -14.91
C VAL D 92 -11.71 17.20 -15.83
N GLY D 93 -10.63 16.59 -15.37
CA GLY D 93 -9.44 16.44 -16.19
C GLY D 93 -8.86 15.05 -16.04
N VAL D 94 -7.77 14.78 -16.72
CA VAL D 94 -7.12 13.49 -16.57
C VAL D 94 -5.78 13.64 -15.84
N GLN D 95 -5.51 12.69 -14.96
CA GLN D 95 -4.31 12.71 -14.15
C GLN D 95 -3.55 11.41 -14.35
N ILE D 96 -2.23 11.51 -14.46
CA ILE D 96 -1.39 10.33 -14.67
C ILE D 96 -0.53 9.99 -13.45
N LEU D 97 -0.68 8.76 -12.97
CA LEU D 97 0.01 8.33 -11.76
C LEU D 97 1.09 7.32 -12.08
N ASP D 98 2.10 7.23 -11.20
CA ASP D 98 3.14 6.22 -11.34
C ASP D 98 2.63 4.90 -10.77
N ARG D 99 3.48 3.88 -10.80
CA ARG D 99 3.10 2.56 -10.32
C ARG D 99 2.55 2.59 -8.89
N THR D 100 2.76 3.69 -8.19
CA THR D 100 2.40 3.78 -6.78
C THR D 100 1.19 4.68 -6.51
N GLY D 101 0.45 5.03 -7.55
CA GLY D 101 -0.75 5.83 -7.39
C GLY D 101 -0.48 7.31 -7.18
N ALA D 102 0.80 7.67 -7.12
CA ALA D 102 1.20 9.07 -7.01
C ALA D 102 1.05 9.79 -8.35
N ALA D 103 0.51 11.00 -8.33
CA ALA D 103 0.28 11.74 -9.58
C ALA D 103 1.55 12.34 -10.13
N LEU D 104 1.70 12.31 -11.45
CA LEU D 104 2.88 12.86 -12.11
C LEU D 104 2.65 14.27 -12.62
N THR D 105 3.69 15.10 -12.59
CA THR D 105 3.62 16.46 -13.14
C THR D 105 3.47 16.40 -14.66
N LEU D 106 3.23 17.56 -15.28
CA LEU D 106 3.02 17.60 -16.72
C LEU D 106 3.95 18.58 -17.43
N ASP D 107 5.07 18.89 -16.81
CA ASP D 107 6.08 19.74 -17.43
C ASP D 107 7.29 18.93 -17.87
N GLY D 108 8.34 19.62 -18.28
CA GLY D 108 9.57 18.95 -18.68
C GLY D 108 10.29 18.35 -17.50
N ALA D 109 9.54 18.12 -16.41
CA ALA D 109 10.11 17.54 -15.20
C ALA D 109 10.36 16.05 -15.37
N THR D 110 11.53 15.72 -15.89
CA THR D 110 11.86 14.33 -16.24
C THR D 110 12.29 13.52 -15.03
N PHE D 111 12.23 12.20 -15.15
CA PHE D 111 12.67 11.30 -14.09
C PHE D 111 13.12 9.95 -14.67
N SER D 112 13.86 9.17 -13.88
CA SER D 112 14.44 7.92 -14.35
C SER D 112 13.38 6.85 -14.65
N SER D 113 13.58 6.11 -15.74
CA SER D 113 12.54 5.25 -16.30
C SER D 113 12.12 4.08 -15.39
N GLU D 114 13.08 3.46 -14.72
CA GLU D 114 12.81 2.30 -13.86
C GLU D 114 12.15 1.17 -14.61
N THR D 115 12.75 0.81 -15.75
CA THR D 115 12.24 -0.25 -16.61
C THR D 115 12.55 -1.62 -16.04
N THR D 116 11.68 -2.58 -16.29
CA THR D 116 11.94 -3.97 -15.91
C THR D 116 11.90 -4.85 -17.15
N LEU D 117 12.85 -5.75 -17.25
CA LEU D 117 13.03 -6.53 -18.47
C LEU D 117 12.51 -7.96 -18.34
N ASN D 118 11.57 -8.32 -19.21
CA ASN D 118 11.06 -9.68 -19.29
C ASN D 118 10.79 -10.06 -20.74
N ASN D 119 11.74 -10.77 -21.33
CA ASN D 119 11.64 -11.18 -22.74
C ASN D 119 11.85 -10.00 -23.70
N GLY D 120 13.05 -9.44 -23.67
CA GLY D 120 13.43 -8.37 -24.57
C GLY D 120 12.54 -7.14 -24.58
N THR D 121 11.76 -6.95 -23.51
CA THR D 121 10.84 -5.81 -23.43
C THR D 121 10.97 -5.09 -22.09
N ASN D 122 11.63 -3.93 -22.08
CA ASN D 122 11.70 -3.12 -20.88
C ASN D 122 10.48 -2.30 -20.63
N THR D 123 9.68 -2.72 -19.66
CA THR D 123 8.37 -2.10 -19.50
C THR D 123 8.22 -1.25 -18.23
N ILE D 124 7.42 -0.19 -18.32
CA ILE D 124 7.13 0.69 -17.19
C ILE D 124 5.63 0.83 -17.00
N PRO D 125 5.13 0.52 -15.79
CA PRO D 125 3.71 0.63 -15.48
C PRO D 125 3.28 2.06 -15.16
N PHE D 126 2.06 2.40 -15.52
CA PHE D 126 1.46 3.69 -15.21
C PHE D 126 -0.03 3.57 -14.97
N GLN D 127 -0.64 4.65 -14.48
CA GLN D 127 -2.07 4.68 -14.25
C GLN D 127 -2.63 6.00 -14.76
N ALA D 128 -3.92 6.01 -15.08
CA ALA D 128 -4.61 7.23 -15.48
C ALA D 128 -6.01 7.26 -14.85
N ARG D 129 -6.42 8.44 -14.39
CA ARG D 129 -7.75 8.56 -13.79
C ARG D 129 -8.34 9.94 -14.07
N TYR D 130 -9.60 10.13 -13.70
CA TYR D 130 -10.22 11.43 -13.80
C TYR D 130 -10.10 12.17 -12.48
N PHE D 131 -9.78 13.46 -12.56
CA PHE D 131 -9.69 14.31 -11.38
C PHE D 131 -10.70 15.44 -11.49
N ALA D 132 -11.53 15.59 -10.46
CA ALA D 132 -12.53 16.65 -10.44
C ALA D 132 -11.92 17.99 -10.04
N THR D 133 -12.53 19.07 -10.49
CA THR D 133 -12.06 20.42 -10.29
C THR D 133 -13.20 21.24 -9.69
N GLY D 134 -14.26 20.53 -9.31
CA GLY D 134 -15.48 21.15 -8.85
C GLY D 134 -16.62 20.25 -9.28
N ALA D 135 -17.82 20.82 -9.40
CA ALA D 135 -18.97 20.05 -9.86
C ALA D 135 -18.71 19.55 -11.27
N ALA D 136 -18.64 18.23 -11.43
CA ALA D 136 -18.42 17.65 -12.75
C ALA D 136 -19.70 17.62 -13.58
N THR D 137 -19.59 17.86 -14.89
CA THR D 137 -20.76 17.79 -15.78
C THR D 137 -20.54 16.82 -16.94
N PRO D 138 -21.54 15.98 -17.22
CA PRO D 138 -21.43 14.91 -18.22
C PRO D 138 -21.06 15.41 -19.62
N GLY D 139 -20.28 14.61 -20.35
CA GLY D 139 -19.79 14.99 -21.65
C GLY D 139 -18.58 14.17 -22.10
N ALA D 140 -17.96 14.60 -23.20
CA ALA D 140 -16.86 13.84 -23.80
C ALA D 140 -15.54 14.07 -23.07
N ALA D 141 -15.03 13.03 -22.43
CA ALA D 141 -13.81 13.16 -21.64
C ALA D 141 -12.58 12.53 -22.27
N ASN D 142 -12.49 12.57 -23.60
CA ASN D 142 -11.25 12.19 -24.27
C ASN D 142 -10.19 13.26 -24.02
N ALA D 143 -8.99 12.82 -23.66
CA ALA D 143 -7.86 13.73 -23.44
C ALA D 143 -6.59 13.11 -23.97
N ASP D 144 -5.56 13.94 -24.21
CA ASP D 144 -4.29 13.43 -24.71
C ASP D 144 -3.06 14.14 -24.14
N ALA D 145 -1.94 13.43 -24.14
CA ALA D 145 -0.69 13.96 -23.61
C ALA D 145 0.51 13.42 -24.41
N THR D 146 1.71 13.72 -23.94
CA THR D 146 2.91 13.30 -24.63
C THR D 146 3.86 12.62 -23.66
N PHE D 147 4.45 11.52 -24.10
CA PHE D 147 5.41 10.80 -23.29
C PHE D 147 6.81 11.08 -23.82
N LYS D 148 7.58 11.82 -23.03
CA LYS D 148 8.94 12.19 -23.40
C LYS D 148 9.93 11.12 -22.93
N VAL D 149 10.72 10.62 -23.87
CA VAL D 149 11.79 9.66 -23.57
C VAL D 149 13.14 10.24 -23.98
N GLN D 150 13.93 10.63 -22.99
CA GLN D 150 15.22 11.27 -23.22
C GLN D 150 16.38 10.35 -22.84
N TYR D 151 17.05 9.78 -23.84
CA TYR D 151 18.15 8.85 -23.54
C TYR D 151 19.32 9.61 -22.95
N GLN D 152 20.01 8.97 -22.01
CA GLN D 152 21.21 9.59 -21.45
C GLN D 152 22.40 9.05 -22.21
N VAL E 2 -9.14 -42.80 -9.56
CA VAL E 2 -10.01 -41.66 -9.83
C VAL E 2 -9.26 -40.33 -9.81
N ALA E 3 -9.79 -39.35 -10.50
CA ALA E 3 -9.13 -38.06 -10.64
C ALA E 3 -10.11 -36.91 -10.84
N LEU E 4 -9.79 -35.76 -10.26
CA LEU E 4 -10.59 -34.56 -10.44
C LEU E 4 -10.27 -33.86 -11.78
N GLY E 5 -11.28 -33.26 -12.39
CA GLY E 5 -11.14 -32.63 -13.69
C GLY E 5 -10.29 -31.37 -13.71
N ALA E 6 -9.91 -30.89 -12.53
CA ALA E 6 -9.11 -29.67 -12.44
C ALA E 6 -8.15 -29.71 -11.25
N THR E 7 -7.19 -28.78 -11.25
CA THR E 7 -6.23 -28.68 -10.17
C THR E 7 -6.70 -27.64 -9.16
N ARG E 8 -7.62 -26.78 -9.59
CA ARG E 8 -8.14 -25.71 -8.77
C ARG E 8 -9.53 -25.32 -9.24
N VAL E 9 -10.21 -24.54 -8.41
CA VAL E 9 -11.55 -24.10 -8.76
C VAL E 9 -11.74 -22.63 -8.38
N ILE E 10 -12.00 -21.80 -9.37
CA ILE E 10 -12.31 -20.39 -9.10
C ILE E 10 -13.81 -20.19 -9.00
N TYR E 11 -14.26 -19.80 -7.82
CA TYR E 11 -15.66 -19.52 -7.57
C TYR E 11 -15.91 -18.02 -7.61
N PRO E 12 -16.39 -17.51 -8.76
CA PRO E 12 -16.79 -16.11 -8.87
C PRO E 12 -18.02 -15.84 -8.02
N ALA E 13 -17.97 -14.82 -7.18
CA ALA E 13 -19.10 -14.48 -6.31
C ALA E 13 -20.33 -14.11 -7.15
N GLN E 19 -19.18 -26.51 -11.11
CA GLN E 19 -19.04 -27.94 -11.32
C GLN E 19 -17.57 -28.39 -11.26
N LEU E 20 -17.36 -29.63 -10.83
CA LEU E 20 -16.02 -30.21 -10.77
C LEU E 20 -16.13 -31.69 -11.11
N ALA E 21 -15.45 -32.11 -12.18
CA ALA E 21 -15.56 -33.47 -12.66
C ALA E 21 -14.77 -34.47 -11.84
N VAL E 22 -15.33 -35.67 -11.69
CA VAL E 22 -14.65 -36.77 -11.04
C VAL E 22 -14.75 -38.00 -11.93
N THR E 23 -13.60 -38.60 -12.23
CA THR E 23 -13.53 -39.68 -13.21
C THR E 23 -12.76 -40.91 -12.75
N ASN E 24 -13.20 -42.09 -13.18
CA ASN E 24 -12.52 -43.34 -12.88
C ASN E 24 -12.01 -44.03 -14.15
N ASN E 25 -10.89 -44.73 -14.04
CA ASN E 25 -10.32 -45.47 -15.17
C ASN E 25 -10.77 -46.92 -15.16
N ASP E 26 -9.97 -47.75 -14.50
CA ASP E 26 -10.22 -49.18 -14.45
C ASP E 26 -11.70 -49.47 -14.28
N GLU E 27 -12.25 -50.23 -15.22
CA GLU E 27 -13.64 -50.70 -15.11
C GLU E 27 -13.79 -51.56 -13.86
N ASN E 28 -12.97 -52.60 -13.76
CA ASN E 28 -12.99 -53.50 -12.61
C ASN E 28 -12.49 -52.81 -11.34
N SER E 29 -13.09 -51.68 -11.01
CA SER E 29 -12.75 -50.95 -9.79
C SER E 29 -13.92 -50.10 -9.33
N THR E 30 -14.31 -50.26 -8.07
CA THR E 30 -15.39 -49.47 -7.49
C THR E 30 -14.90 -48.63 -6.32
N TYR E 31 -15.43 -47.41 -6.22
CA TYR E 31 -15.03 -46.48 -5.18
C TYR E 31 -16.20 -45.83 -4.47
N LEU E 32 -15.97 -45.39 -3.25
CA LEU E 32 -16.86 -44.49 -2.54
C LEU E 32 -16.17 -43.13 -2.49
N ILE E 33 -16.83 -42.14 -3.08
CA ILE E 33 -16.28 -40.78 -3.16
C ILE E 33 -16.95 -39.85 -2.15
N GLN E 34 -16.18 -39.44 -1.15
CA GLN E 34 -16.68 -38.50 -0.17
C GLN E 34 -15.87 -37.21 -0.21
N SER E 35 -16.56 -36.11 -0.49
CA SER E 35 -15.87 -34.85 -0.68
C SER E 35 -16.43 -33.73 0.21
N TRP E 36 -15.53 -32.87 0.68
CA TRP E 36 -15.92 -31.78 1.55
C TRP E 36 -14.97 -30.58 1.38
N VAL E 37 -15.45 -29.40 1.77
CA VAL E 37 -14.63 -28.20 1.70
C VAL E 37 -14.09 -27.82 3.07
N GLU E 38 -12.87 -27.31 3.11
CA GLU E 38 -12.30 -26.76 4.33
C GLU E 38 -11.92 -25.31 4.07
N ASN E 39 -11.72 -24.54 5.13
CA ASN E 39 -11.25 -23.18 4.97
C ASN E 39 -9.72 -23.15 4.95
N ALA E 40 -9.15 -21.95 4.96
CA ALA E 40 -7.71 -21.83 4.98
C ALA E 40 -7.10 -22.63 6.13
N ASP E 41 -7.84 -22.76 7.23
CA ASP E 41 -7.31 -23.44 8.41
C ASP E 41 -7.63 -24.92 8.45
N GLY E 42 -8.13 -25.47 7.34
CA GLY E 42 -8.46 -26.88 7.27
C GLY E 42 -9.69 -27.25 8.08
N VAL E 43 -10.47 -26.25 8.47
CA VAL E 43 -11.70 -26.47 9.22
C VAL E 43 -12.89 -26.51 8.27
N LYS E 44 -13.66 -27.60 8.32
CA LYS E 44 -14.84 -27.71 7.48
C LYS E 44 -15.94 -26.82 8.02
N ASP E 45 -15.87 -25.53 7.70
CA ASP E 45 -16.79 -24.56 8.28
C ASP E 45 -18.14 -24.44 7.55
N GLY E 46 -18.27 -25.14 6.43
CA GLY E 46 -19.52 -25.21 5.70
C GLY E 46 -19.91 -23.93 4.98
N ARG E 47 -18.94 -23.05 4.74
CA ARG E 47 -19.18 -21.83 3.98
C ARG E 47 -19.47 -22.17 2.52
N PHE E 48 -19.01 -23.35 2.10
CA PHE E 48 -19.33 -23.89 0.78
C PHE E 48 -19.90 -25.29 0.90
N ILE E 49 -20.97 -25.55 0.15
CA ILE E 49 -21.64 -26.85 0.21
C ILE E 49 -21.31 -27.70 -1.02
N VAL E 50 -20.82 -28.92 -0.82
CA VAL E 50 -20.52 -29.78 -1.94
C VAL E 50 -21.47 -30.98 -2.03
N THR E 51 -22.03 -31.20 -3.20
CA THR E 51 -23.01 -32.27 -3.40
C THR E 51 -22.68 -33.10 -4.64
N PRO E 52 -22.82 -34.43 -4.52
CA PRO E 52 -23.16 -35.10 -3.26
C PRO E 52 -21.95 -35.28 -2.35
N PRO E 53 -22.14 -35.12 -1.04
CA PRO E 53 -21.05 -35.25 -0.06
C PRO E 53 -20.49 -36.67 -0.08
N LEU E 54 -21.30 -37.61 -0.55
CA LEU E 54 -20.91 -39.01 -0.55
C LEU E 54 -21.68 -39.78 -1.62
N PHE E 55 -20.96 -40.43 -2.54
CA PHE E 55 -21.61 -41.19 -3.60
C PHE E 55 -20.72 -42.30 -4.16
N ALA E 56 -21.32 -43.28 -4.83
CA ALA E 56 -20.54 -44.42 -5.36
C ALA E 56 -20.17 -44.27 -6.84
N MET E 57 -18.97 -44.72 -7.19
CA MET E 57 -18.56 -44.83 -8.60
C MET E 57 -18.23 -46.28 -8.93
N LYS E 58 -19.01 -46.89 -9.81
CA LYS E 58 -18.77 -48.28 -10.21
C LYS E 58 -18.33 -48.40 -11.66
N GLY E 59 -17.02 -48.48 -11.88
CA GLY E 59 -16.49 -48.68 -13.22
C GLY E 59 -16.23 -47.38 -13.98
N LYS E 60 -15.85 -47.50 -15.25
CA LYS E 60 -15.60 -46.34 -16.10
C LYS E 60 -16.79 -45.39 -16.12
N LYS E 61 -16.68 -44.29 -15.40
CA LYS E 61 -17.75 -43.30 -15.35
C LYS E 61 -17.19 -41.92 -15.07
N GLU E 62 -18.02 -40.91 -15.27
CA GLU E 62 -17.65 -39.54 -14.90
C GLU E 62 -18.82 -38.88 -14.21
N ASN E 63 -18.69 -38.63 -12.91
CA ASN E 63 -19.71 -37.92 -12.17
C ASN E 63 -19.31 -36.46 -11.98
N THR E 64 -20.27 -35.62 -11.63
CA THR E 64 -19.99 -34.21 -11.44
C THR E 64 -20.37 -33.72 -10.04
N LEU E 65 -19.38 -33.20 -9.33
CA LEU E 65 -19.61 -32.60 -8.02
C LEU E 65 -20.05 -31.16 -8.21
N ARG E 66 -20.95 -30.69 -7.35
CA ARG E 66 -21.45 -29.32 -7.42
C ARG E 66 -21.08 -28.56 -6.15
N ILE E 67 -20.40 -27.43 -6.32
CA ILE E 67 -19.99 -26.59 -5.21
C ILE E 67 -20.86 -25.33 -5.14
N LEU E 68 -21.46 -25.09 -3.98
CA LEU E 68 -22.43 -24.02 -3.82
C LEU E 68 -21.97 -22.99 -2.79
N ASP E 69 -22.01 -21.73 -3.21
CA ASP E 69 -21.73 -20.62 -2.31
C ASP E 69 -22.85 -20.48 -1.29
N ALA E 70 -22.49 -20.53 0.00
CA ALA E 70 -23.48 -20.38 1.05
C ALA E 70 -23.01 -19.48 2.18
N THR E 71 -22.73 -18.21 1.87
CA THR E 71 -22.30 -17.26 2.90
C THR E 71 -22.93 -15.90 2.67
N ASN E 72 -22.09 -14.86 2.59
CA ASN E 72 -22.57 -13.51 2.28
C ASN E 72 -22.26 -13.10 0.85
N ARG E 79 -10.39 -8.55 -2.77
CA ARG E 79 -9.57 -9.62 -2.19
C ARG E 79 -10.23 -10.97 -2.41
N GLU E 80 -9.47 -11.98 -2.80
CA GLU E 80 -10.03 -13.32 -2.97
C GLU E 80 -9.65 -14.23 -1.80
N SER E 81 -10.63 -15.01 -1.35
CA SER E 81 -10.50 -15.85 -0.16
C SER E 81 -10.16 -17.31 -0.48
N LEU E 82 -9.45 -17.96 0.43
CA LEU E 82 -8.92 -19.30 0.20
C LEU E 82 -9.73 -20.41 0.90
N PHE E 83 -9.98 -21.49 0.16
CA PHE E 83 -10.61 -22.69 0.71
C PHE E 83 -9.97 -23.91 0.06
N TRP E 84 -10.36 -25.10 0.49
CA TRP E 84 -9.81 -26.35 -0.04
C TRP E 84 -10.90 -27.35 -0.35
N MET E 85 -10.90 -27.83 -1.57
CA MET E 85 -11.76 -28.91 -1.99
C MET E 85 -11.04 -30.21 -1.70
N ASN E 86 -11.69 -31.11 -0.95
CA ASN E 86 -11.13 -32.41 -0.61
C ASN E 86 -12.00 -33.53 -1.15
N VAL E 87 -11.49 -34.30 -2.10
CA VAL E 87 -12.24 -35.44 -2.59
C VAL E 87 -11.52 -36.75 -2.24
N LYS E 88 -12.19 -37.57 -1.45
CA LYS E 88 -11.63 -38.83 -0.96
C LYS E 88 -12.23 -40.06 -1.63
N ALA E 89 -11.36 -40.76 -2.37
CA ALA E 89 -11.73 -41.99 -3.06
C ALA E 89 -11.37 -43.18 -2.20
N ILE E 90 -12.36 -44.03 -1.94
CA ILE E 90 -12.18 -45.21 -1.08
C ILE E 90 -12.50 -46.48 -1.84
N PRO E 91 -11.49 -47.34 -2.04
CA PRO E 91 -11.75 -48.63 -2.70
C PRO E 91 -12.77 -49.46 -1.93
N SER E 92 -13.33 -50.46 -2.60
CA SER E 92 -14.27 -51.38 -1.97
C SER E 92 -14.23 -52.74 -2.65
N MET E 93 -13.61 -53.70 -1.97
CA MET E 93 -13.43 -55.04 -2.53
C MET E 93 -14.67 -55.89 -2.28
N ASP E 94 -14.72 -57.06 -2.92
CA ASP E 94 -15.82 -58.01 -2.72
C ASP E 94 -15.53 -59.35 -3.37
N GLU E 100 -4.22 -62.12 2.93
CA GLU E 100 -4.21 -61.55 4.28
C GLU E 100 -3.00 -60.66 4.50
N ASN E 101 -2.96 -60.02 5.65
CA ASN E 101 -1.93 -59.03 6.00
C ASN E 101 -1.73 -58.00 4.89
N THR E 102 -2.79 -57.24 4.63
CA THR E 102 -2.81 -56.29 3.54
C THR E 102 -3.01 -54.86 4.02
N LEU E 103 -2.32 -53.93 3.38
CA LEU E 103 -2.48 -52.51 3.69
C LEU E 103 -3.43 -51.85 2.70
N GLN E 104 -4.66 -51.57 3.15
CA GLN E 104 -5.61 -50.85 2.31
C GLN E 104 -5.24 -49.38 2.31
N LEU E 105 -5.58 -48.67 1.23
CA LEU E 105 -5.25 -47.26 1.11
C LEU E 105 -6.33 -46.42 0.42
N ALA E 106 -6.82 -45.39 1.10
CA ALA E 106 -7.72 -44.43 0.47
C ALA E 106 -6.90 -43.27 -0.09
N ILE E 107 -7.42 -42.60 -1.10
CA ILE E 107 -6.70 -41.46 -1.67
C ILE E 107 -7.45 -40.14 -1.46
N ILE E 108 -6.72 -39.07 -1.18
CA ILE E 108 -7.34 -37.76 -1.09
C ILE E 108 -6.75 -36.80 -2.10
N SER E 109 -7.62 -36.20 -2.90
CA SER E 109 -7.20 -35.12 -3.77
C SER E 109 -7.61 -33.79 -3.12
N ARG E 110 -6.63 -32.95 -2.86
CA ARG E 110 -6.88 -31.67 -2.21
C ARG E 110 -6.48 -30.52 -3.12
N ILE E 111 -7.47 -29.79 -3.63
CA ILE E 111 -7.19 -28.68 -4.53
C ILE E 111 -7.68 -27.34 -3.99
N LYS E 112 -7.09 -26.25 -4.46
CA LYS E 112 -7.46 -24.92 -4.00
C LYS E 112 -8.84 -24.50 -4.52
N LEU E 113 -9.64 -23.92 -3.64
CA LEU E 113 -10.93 -23.34 -3.99
C LEU E 113 -10.92 -21.85 -3.68
N TYR E 114 -10.82 -21.03 -4.73
CA TYR E 114 -10.64 -19.59 -4.58
C TYR E 114 -11.94 -18.82 -4.69
N TYR E 115 -12.36 -18.19 -3.60
CA TYR E 115 -13.52 -17.30 -3.67
C TYR E 115 -13.09 -15.96 -4.25
N ARG E 116 -13.58 -15.65 -5.45
CA ARG E 116 -13.18 -14.42 -6.14
C ARG E 116 -14.33 -13.42 -6.26
N PRO E 117 -14.22 -12.28 -5.58
CA PRO E 117 -15.26 -11.22 -5.65
C PRO E 117 -15.47 -10.75 -7.08
N ALA E 118 -16.47 -9.88 -7.28
CA ALA E 118 -16.75 -9.33 -8.60
C ALA E 118 -16.25 -7.90 -8.68
N LYS E 119 -16.31 -7.33 -9.88
CA LYS E 119 -15.91 -5.94 -10.12
C LYS E 119 -14.49 -5.65 -9.64
N LEU E 120 -13.60 -6.63 -9.78
CA LEU E 120 -12.20 -6.44 -9.43
C LEU E 120 -11.51 -5.57 -10.47
N ALA E 121 -10.56 -4.77 -10.02
CA ALA E 121 -9.89 -3.83 -10.91
C ALA E 121 -8.85 -4.51 -11.81
N LEU E 122 -7.83 -5.12 -11.20
CA LEU E 122 -6.73 -5.70 -11.95
C LEU E 122 -7.10 -7.03 -12.61
N PRO E 123 -7.07 -7.06 -13.95
CA PRO E 123 -7.29 -8.28 -14.73
C PRO E 123 -6.35 -9.39 -14.26
N PRO E 124 -6.88 -10.60 -14.06
CA PRO E 124 -6.07 -11.74 -13.60
C PRO E 124 -4.82 -11.95 -14.45
N ASP E 125 -4.90 -11.62 -15.73
CA ASP E 125 -3.75 -11.73 -16.63
C ASP E 125 -2.51 -11.05 -16.07
N GLN E 126 -2.70 -9.86 -15.52
CA GLN E 126 -1.59 -9.02 -15.09
C GLN E 126 -1.29 -9.10 -13.58
N ALA E 127 -1.55 -10.26 -12.99
CA ALA E 127 -1.25 -10.45 -11.58
C ALA E 127 0.21 -10.87 -11.35
N ALA E 128 0.65 -11.90 -12.09
CA ALA E 128 2.00 -12.42 -11.95
C ALA E 128 3.05 -11.32 -12.13
N GLU E 129 2.85 -10.47 -13.14
CA GLU E 129 3.80 -9.41 -13.44
C GLU E 129 4.16 -8.54 -12.23
N LYS E 130 3.28 -8.48 -11.25
CA LYS E 130 3.40 -7.51 -10.16
C LYS E 130 4.18 -7.99 -8.94
N LEU E 131 4.60 -9.25 -8.96
CA LEU E 131 5.32 -9.83 -7.82
C LEU E 131 6.59 -9.02 -7.50
N ARG E 132 6.76 -8.68 -6.22
CA ARG E 132 7.96 -7.99 -5.77
C ARG E 132 8.71 -8.83 -4.75
N PHE E 133 10.00 -8.55 -4.58
CA PHE E 133 10.84 -9.33 -3.69
C PHE E 133 11.60 -8.45 -2.69
N ARG E 134 11.93 -9.05 -1.55
CA ARG E 134 12.68 -8.38 -0.51
C ARG E 134 13.67 -9.35 0.13
N ARG E 135 14.93 -9.27 -0.29
CA ARG E 135 15.97 -10.19 0.16
C ARG E 135 16.46 -9.81 1.55
N SER E 136 16.92 -10.78 2.31
CA SER E 136 17.35 -10.54 3.69
C SER E 136 18.38 -11.56 4.16
N LEU E 140 14.94 -13.18 2.93
CA LEU E 140 14.26 -13.08 1.64
C LEU E 140 12.75 -13.12 1.82
N THR E 141 12.04 -12.34 1.01
CA THR E 141 10.58 -12.32 1.07
C THR E 141 9.94 -11.98 -0.27
N LEU E 142 8.85 -12.65 -0.59
CA LEU E 142 8.06 -12.37 -1.80
C LEU E 142 6.77 -11.64 -1.42
N ILE E 143 6.42 -10.64 -2.21
CA ILE E 143 5.26 -9.79 -1.90
C ILE E 143 4.15 -9.95 -2.95
N ASN E 144 2.91 -9.70 -2.54
CA ASN E 144 1.78 -9.72 -3.45
C ASN E 144 0.81 -8.57 -3.22
N PRO E 145 0.97 -7.49 -4.00
CA PRO E 145 0.14 -6.28 -3.93
C PRO E 145 -1.25 -6.45 -4.55
N THR E 146 -1.50 -7.58 -5.19
CA THR E 146 -2.75 -7.79 -5.92
C THR E 146 -3.85 -8.38 -5.04
N PRO E 147 -5.11 -8.29 -5.48
CA PRO E 147 -6.22 -8.94 -4.78
C PRO E 147 -6.33 -10.42 -5.09
N TYR E 148 -5.42 -10.94 -5.91
CA TYR E 148 -5.45 -12.34 -6.31
C TYR E 148 -4.39 -13.19 -5.61
N TYR E 149 -4.80 -14.25 -4.93
CA TYR E 149 -3.86 -15.19 -4.37
C TYR E 149 -2.90 -15.63 -5.47
N LEU E 150 -1.63 -15.28 -5.30
CA LEU E 150 -0.60 -15.67 -6.27
C LEU E 150 0.09 -16.97 -5.85
N THR E 151 0.43 -17.79 -6.83
CA THR E 151 1.08 -19.06 -6.57
C THR E 151 2.42 -19.15 -7.30
N VAL E 152 3.49 -18.76 -6.62
CA VAL E 152 4.83 -18.76 -7.21
C VAL E 152 5.38 -20.17 -7.37
N THR E 153 5.92 -20.46 -8.56
CA THR E 153 6.43 -21.80 -8.88
C THR E 153 7.92 -21.80 -9.26
N GLU E 154 8.22 -21.62 -10.53
CA GLU E 154 9.58 -21.73 -11.03
C GLU E 154 10.46 -20.57 -10.55
N LEU E 155 10.88 -20.64 -9.29
CA LEU E 155 11.73 -19.60 -8.72
C LEU E 155 13.20 -19.77 -9.11
N ASN E 156 13.84 -18.67 -9.50
CA ASN E 156 15.26 -18.70 -9.87
C ASN E 156 16.16 -18.14 -8.76
N ALA E 157 17.35 -18.73 -8.63
CA ALA E 157 18.31 -18.32 -7.61
C ALA E 157 19.68 -18.02 -8.21
N GLY E 158 20.67 -18.85 -7.88
CA GLY E 158 22.01 -18.69 -8.41
C GLY E 158 23.05 -18.42 -7.34
N GLU E 163 10.51 -24.92 -0.11
CA GLU E 163 10.19 -25.17 -1.51
C GLU E 163 9.83 -23.90 -2.25
N ASN E 164 8.61 -23.84 -2.78
CA ASN E 164 8.11 -22.63 -3.42
C ASN E 164 7.27 -21.81 -2.45
N ALA E 165 6.23 -21.15 -2.97
CA ALA E 165 5.39 -20.33 -2.12
C ALA E 165 4.10 -19.87 -2.79
N LEU E 166 3.19 -19.36 -1.97
CA LEU E 166 1.90 -18.86 -2.39
C LEU E 166 1.66 -17.53 -1.68
N VAL E 167 1.90 -16.43 -2.36
CA VAL E 167 1.71 -15.13 -1.73
C VAL E 167 0.24 -14.76 -1.69
N PRO E 168 -0.24 -14.31 -0.53
CA PRO E 168 -1.63 -13.84 -0.36
C PRO E 168 -1.87 -12.44 -0.93
N PRO E 169 -3.06 -12.22 -1.49
CA PRO E 169 -3.47 -10.91 -2.01
C PRO E 169 -3.38 -9.84 -0.92
N MET E 170 -2.79 -8.70 -1.26
CA MET E 170 -2.58 -7.61 -0.31
C MET E 170 -1.56 -7.96 0.76
N GLY E 171 -0.68 -8.91 0.47
CA GLY E 171 0.26 -9.36 1.49
C GLY E 171 1.35 -10.29 0.98
N GLU E 172 2.27 -10.63 1.88
CA GLU E 172 3.45 -11.39 1.49
C GLU E 172 3.41 -12.84 1.96
N SER E 173 4.37 -13.62 1.47
CA SER E 173 4.54 -14.99 1.89
C SER E 173 6.03 -15.30 1.98
N THR E 174 6.69 -14.67 2.96
CA THR E 174 8.12 -14.83 3.17
C THR E 174 8.62 -16.26 2.95
N VAL E 175 9.76 -16.38 2.28
CA VAL E 175 10.41 -17.66 2.08
C VAL E 175 11.89 -17.56 2.41
N LYS E 176 12.42 -18.61 3.04
CA LYS E 176 13.84 -18.66 3.39
C LYS E 176 14.64 -19.32 2.27
N ALA E 181 24.85 -18.30 -1.54
CA ALA E 181 23.47 -17.87 -1.76
C ALA E 181 23.42 -16.41 -2.20
N GLY E 182 23.34 -16.19 -3.51
CA GLY E 182 23.32 -14.84 -4.05
C GLY E 182 22.37 -14.63 -5.22
N SER E 183 22.41 -13.43 -5.79
CA SER E 183 21.56 -13.06 -6.92
C SER E 183 21.69 -14.06 -8.06
N ASN E 184 20.73 -14.07 -8.98
CA ASN E 184 19.60 -13.14 -8.98
C ASN E 184 18.27 -13.85 -8.70
N ILE E 185 17.18 -13.28 -9.20
CA ILE E 185 15.85 -13.82 -8.93
C ILE E 185 14.85 -13.63 -10.05
N THR E 186 14.14 -14.71 -10.39
CA THR E 186 12.98 -14.66 -11.28
C THR E 186 11.87 -15.58 -10.78
N TYR E 187 10.74 -15.58 -11.47
CA TYR E 187 9.56 -16.31 -11.02
C TYR E 187 8.62 -16.69 -12.16
N ARG E 188 7.57 -17.44 -11.80
CA ARG E 188 6.64 -18.01 -12.78
C ARG E 188 5.46 -18.59 -12.00
N THR E 189 4.25 -18.55 -12.55
CA THR E 189 3.06 -18.92 -11.79
C THR E 189 2.13 -19.95 -12.47
N ILE E 190 1.18 -20.46 -11.69
CA ILE E 190 0.12 -21.30 -12.23
C ILE E 190 -1.15 -20.49 -12.41
N ASN E 191 -1.53 -20.26 -13.66
CA ASN E 191 -2.70 -19.45 -13.97
C ASN E 191 -3.98 -19.96 -13.30
N ASP E 192 -5.07 -19.22 -13.49
CA ASP E 192 -6.38 -19.62 -12.98
C ASP E 192 -6.88 -20.83 -13.74
N TYR E 193 -6.16 -21.21 -14.79
CA TYR E 193 -6.51 -22.37 -15.60
C TYR E 193 -5.57 -23.54 -15.32
N GLY E 194 -4.70 -23.38 -14.32
CA GLY E 194 -3.84 -24.45 -13.89
C GLY E 194 -2.58 -24.60 -14.71
N ALA E 195 -2.53 -23.88 -15.83
CA ALA E 195 -1.35 -23.90 -16.69
C ALA E 195 -0.31 -22.89 -16.23
N LEU E 196 0.94 -23.07 -16.64
CA LEU E 196 2.01 -22.19 -16.20
C LEU E 196 2.28 -21.06 -17.18
N THR E 197 3.42 -20.39 -16.96
CA THR E 197 3.81 -19.23 -17.75
C THR E 197 5.30 -19.34 -18.06
N PRO E 198 5.88 -18.31 -18.70
CA PRO E 198 7.34 -18.26 -18.76
C PRO E 198 7.86 -17.51 -17.54
N LYS E 199 9.15 -17.65 -17.24
CA LYS E 199 9.74 -16.99 -16.08
C LYS E 199 9.67 -15.46 -16.21
N MET E 200 9.52 -14.80 -15.07
CA MET E 200 9.44 -13.35 -15.02
C MET E 200 10.52 -12.77 -14.11
N THR E 201 11.09 -11.63 -14.51
CA THR E 201 12.07 -10.94 -13.68
C THR E 201 11.36 -10.33 -12.46
N GLY E 202 11.99 -10.42 -11.29
CA GLY E 202 11.44 -9.85 -10.07
C GLY E 202 12.45 -8.94 -9.37
N VAL E 203 11.94 -7.92 -8.66
CA VAL E 203 12.77 -6.94 -7.97
C VAL E 203 13.22 -7.40 -6.58
N MET E 204 14.51 -7.74 -6.45
CA MET E 204 15.05 -8.25 -5.19
C MET E 204 15.18 -7.16 -4.13
N VAL F 10 -7.62 -25.81 -19.26
CA VAL F 10 -7.32 -26.07 -17.86
C VAL F 10 -6.71 -27.45 -17.65
N ASN F 11 -5.61 -27.50 -16.90
CA ASN F 11 -5.00 -28.77 -16.53
C ASN F 11 -5.91 -29.55 -15.59
N ALA F 12 -6.01 -30.85 -15.84
CA ALA F 12 -6.76 -31.71 -14.94
C ALA F 12 -5.79 -32.36 -13.97
N ALA F 13 -6.31 -32.79 -12.82
CA ALA F 13 -5.49 -33.43 -11.80
C ALA F 13 -5.17 -34.86 -12.18
N CYS F 14 -4.34 -35.51 -11.37
CA CYS F 14 -3.86 -36.86 -11.69
C CYS F 14 -4.80 -37.93 -11.18
N ALA F 15 -4.84 -39.04 -11.91
CA ALA F 15 -5.48 -40.25 -11.41
C ALA F 15 -4.44 -41.03 -10.60
N VAL F 16 -4.70 -41.17 -9.31
CA VAL F 16 -3.76 -41.87 -8.43
C VAL F 16 -4.03 -43.38 -8.36
N ASP F 17 -2.96 -44.16 -8.37
CA ASP F 17 -3.06 -45.61 -8.22
C ASP F 17 -2.05 -46.10 -7.19
N ALA F 18 -2.34 -47.24 -6.57
CA ALA F 18 -1.46 -47.80 -5.54
C ALA F 18 -1.41 -49.32 -5.67
N GLY F 19 -0.25 -49.85 -6.02
CA GLY F 19 -0.08 -51.29 -6.16
C GLY F 19 -1.19 -52.02 -6.89
N SER F 20 -2.04 -52.72 -6.15
CA SER F 20 -3.07 -53.57 -6.74
C SER F 20 -4.27 -52.79 -7.27
N VAL F 21 -5.26 -53.51 -7.77
CA VAL F 21 -6.44 -52.90 -8.37
C VAL F 21 -7.35 -52.29 -7.31
N ASP F 22 -7.14 -52.71 -6.07
CA ASP F 22 -8.00 -52.27 -4.97
C ASP F 22 -7.21 -51.45 -3.95
N GLN F 23 -6.23 -50.72 -4.45
CA GLN F 23 -5.38 -49.87 -3.60
C GLN F 23 -4.85 -50.66 -2.41
N THR F 24 -4.34 -51.86 -2.69
CA THR F 24 -3.89 -52.74 -1.62
C THR F 24 -2.42 -53.10 -1.75
N VAL F 25 -1.82 -53.51 -0.65
CA VAL F 25 -0.41 -53.87 -0.61
C VAL F 25 -0.20 -55.08 0.28
N GLN F 26 0.29 -56.17 -0.31
CA GLN F 26 0.51 -57.40 0.43
C GLN F 26 1.68 -57.30 1.40
N THR F 41 11.40 -55.43 13.36
CA THR F 41 10.70 -55.05 12.14
C THR F 41 10.73 -56.17 11.10
N SER F 42 9.63 -56.30 10.36
CA SER F 42 9.56 -57.28 9.28
C SER F 42 10.38 -56.78 8.10
N SER F 43 10.63 -57.66 7.13
CA SER F 43 11.29 -57.22 5.90
C SER F 43 10.28 -56.43 5.09
N ALA F 44 10.74 -55.36 4.44
CA ALA F 44 9.82 -54.40 3.83
C ALA F 44 9.38 -54.78 2.41
N VAL F 45 8.09 -54.59 2.16
CA VAL F 45 7.49 -54.83 0.84
C VAL F 45 7.28 -53.51 0.11
N GLY F 46 7.81 -53.42 -1.10
CA GLY F 46 7.69 -52.21 -1.88
C GLY F 46 6.39 -52.10 -2.65
N PHE F 47 5.96 -50.87 -2.92
CA PHE F 47 4.78 -50.61 -3.72
C PHE F 47 4.88 -49.22 -4.34
N ASN F 48 4.34 -49.06 -5.54
CA ASN F 48 4.44 -47.78 -6.25
C ASN F 48 3.10 -47.06 -6.37
N ILE F 49 3.10 -45.78 -5.99
CA ILE F 49 1.95 -44.92 -6.24
C ILE F 49 2.14 -44.24 -7.60
N GLN F 50 1.09 -44.20 -8.40
CA GLN F 50 1.21 -43.67 -9.75
C GLN F 50 0.25 -42.52 -10.01
N LEU F 51 0.79 -41.40 -10.47
CA LEU F 51 -0.03 -40.27 -10.88
C LEU F 51 -0.12 -40.23 -12.40
N ASN F 52 -1.30 -40.56 -12.92
CA ASN F 52 -1.46 -40.72 -14.35
C ASN F 52 -2.41 -39.69 -14.94
N ASP F 53 -2.44 -39.64 -16.27
CA ASP F 53 -3.39 -38.80 -17.00
C ASP F 53 -3.35 -37.34 -16.57
N CYS F 54 -2.15 -36.83 -16.29
CA CYS F 54 -2.01 -35.44 -15.87
C CYS F 54 -0.68 -34.86 -16.32
N ASP F 55 -0.65 -33.56 -16.57
CA ASP F 55 0.58 -32.89 -16.97
C ASP F 55 1.67 -33.18 -15.95
N THR F 56 2.82 -33.63 -16.44
CA THR F 56 3.94 -33.99 -15.57
C THR F 56 4.32 -32.85 -14.64
N ASN F 57 3.96 -31.63 -15.04
CA ASN F 57 4.16 -30.44 -14.20
C ASN F 57 3.24 -30.44 -12.98
N VAL F 58 1.99 -30.84 -13.18
CA VAL F 58 1.03 -30.90 -12.09
C VAL F 58 1.44 -31.97 -11.09
N ALA F 59 1.93 -33.10 -11.60
CA ALA F 59 2.31 -34.22 -10.75
C ALA F 59 3.59 -33.92 -9.97
N SER F 60 4.63 -33.51 -10.69
CA SER F 60 5.88 -33.21 -10.02
C SER F 60 5.67 -32.08 -9.00
N LYS F 61 4.86 -31.10 -9.36
CA LYS F 61 4.64 -29.95 -8.49
C LYS F 61 3.81 -30.29 -7.24
N ALA F 62 2.90 -31.25 -7.35
CA ALA F 62 2.06 -31.65 -6.23
C ALA F 62 2.88 -32.01 -4.99
N ALA F 63 2.23 -31.99 -3.83
CA ALA F 63 2.88 -32.36 -2.57
C ALA F 63 2.05 -33.44 -1.88
N VAL F 64 2.69 -34.52 -1.44
CA VAL F 64 1.95 -35.64 -0.85
C VAL F 64 2.32 -35.98 0.59
N ALA F 65 1.44 -36.71 1.26
CA ALA F 65 1.70 -37.18 2.63
C ALA F 65 0.86 -38.41 2.97
N PHE F 66 1.12 -39.01 4.12
CA PHE F 66 0.35 -40.17 4.55
C PHE F 66 -0.40 -39.89 5.85
N LEU F 67 -1.69 -40.21 5.87
CA LEU F 67 -2.50 -40.04 7.07
C LEU F 67 -2.95 -41.38 7.61
N GLY F 68 -2.97 -41.51 8.93
CA GLY F 68 -3.40 -42.74 9.56
C GLY F 68 -3.35 -42.66 11.07
N THR F 69 -4.17 -43.48 11.73
CA THR F 69 -4.19 -43.49 13.20
C THR F 69 -3.02 -44.32 13.73
N ALA F 70 -2.24 -43.72 14.62
CA ALA F 70 -1.06 -44.38 15.18
C ALA F 70 -1.46 -45.57 16.05
N VAL F 94 1.88 -51.17 11.36
CA VAL F 94 2.49 -51.05 10.04
C VAL F 94 3.17 -49.70 9.89
N GLN F 95 4.34 -49.71 9.26
CA GLN F 95 5.15 -48.52 9.06
C GLN F 95 5.41 -48.29 7.57
N ILE F 96 5.31 -47.05 7.13
CA ILE F 96 5.53 -46.74 5.72
C ILE F 96 6.81 -45.95 5.49
N LEU F 97 7.68 -46.48 4.64
CA LEU F 97 8.98 -45.88 4.40
C LEU F 97 9.06 -45.28 2.99
N ASP F 98 9.94 -44.30 2.82
CA ASP F 98 10.19 -43.73 1.51
C ASP F 98 11.16 -44.62 0.74
N ARG F 99 11.49 -44.22 -0.48
CA ARG F 99 12.37 -45.03 -1.33
C ARG F 99 13.69 -45.38 -0.64
N THR F 100 13.98 -44.70 0.47
CA THR F 100 15.27 -44.86 1.13
C THR F 100 15.19 -45.60 2.45
N GLY F 101 14.06 -46.27 2.71
CA GLY F 101 13.91 -47.07 3.91
C GLY F 101 13.62 -46.25 5.16
N ALA F 102 13.59 -44.94 5.01
CA ALA F 102 13.25 -44.05 6.11
C ALA F 102 11.73 -44.06 6.36
N ALA F 103 11.33 -44.10 7.62
CA ALA F 103 9.91 -44.16 7.96
C ALA F 103 9.23 -42.81 7.82
N LEU F 104 8.00 -42.82 7.30
CA LEU F 104 7.23 -41.59 7.12
C LEU F 104 6.26 -41.34 8.28
N THR F 105 6.05 -40.07 8.59
CA THR F 105 5.08 -39.69 9.63
C THR F 105 3.67 -40.00 9.15
N LEU F 106 2.69 -39.85 10.04
CA LEU F 106 1.32 -40.17 9.68
C LEU F 106 0.35 -39.02 9.95
N ASP F 107 0.87 -37.80 9.99
CA ASP F 107 0.03 -36.62 10.17
C ASP F 107 -0.07 -35.85 8.86
N GLY F 108 -0.65 -34.66 8.93
CA GLY F 108 -0.77 -33.80 7.77
C GLY F 108 0.58 -33.24 7.35
N ALA F 109 1.65 -33.90 7.79
CA ALA F 109 3.00 -33.48 7.45
C ALA F 109 3.33 -33.82 6.00
N THR F 110 3.00 -32.90 5.10
CA THR F 110 3.15 -33.13 3.67
C THR F 110 4.59 -32.91 3.18
N PHE F 111 4.90 -33.47 2.02
CA PHE F 111 6.22 -33.30 1.41
C PHE F 111 6.13 -33.44 -0.11
N SER F 112 7.17 -32.98 -0.81
CA SER F 112 7.15 -32.93 -2.27
C SER F 112 7.24 -34.29 -2.94
N SER F 113 6.69 -34.34 -4.15
CA SER F 113 6.81 -35.49 -5.04
C SER F 113 8.27 -35.85 -5.24
N GLU F 114 8.77 -36.74 -4.39
CA GLU F 114 10.10 -37.33 -4.55
C GLU F 114 10.01 -38.59 -5.40
N THR F 115 10.14 -38.39 -6.71
CA THR F 115 9.78 -39.39 -7.70
C THR F 115 10.94 -40.25 -8.16
N THR F 116 10.62 -41.38 -8.77
CA THR F 116 11.57 -42.12 -9.58
C THR F 116 11.45 -41.55 -11.00
N LEU F 117 10.46 -40.68 -11.15
CA LEU F 117 10.19 -39.95 -12.39
C LEU F 117 9.40 -40.76 -13.40
N ASN F 122 3.76 -40.66 -13.97
CA ASN F 122 4.64 -40.16 -12.91
C ASN F 122 4.52 -40.97 -11.65
N THR F 123 5.54 -41.79 -11.39
CA THR F 123 5.45 -42.76 -10.30
C THR F 123 6.37 -42.45 -9.10
N ILE F 124 5.90 -42.80 -7.92
CA ILE F 124 6.66 -42.63 -6.68
C ILE F 124 6.74 -43.96 -5.94
N PRO F 125 7.95 -44.41 -5.62
CA PRO F 125 8.17 -45.66 -4.89
C PRO F 125 7.97 -45.50 -3.39
N PHE F 126 7.49 -46.55 -2.74
CA PHE F 126 7.34 -46.58 -1.30
C PHE F 126 7.56 -47.98 -0.75
N GLN F 127 7.65 -48.09 0.56
CA GLN F 127 7.80 -49.38 1.22
C GLN F 127 6.85 -49.47 2.42
N ALA F 128 6.52 -50.69 2.81
CA ALA F 128 5.70 -50.93 4.00
C ALA F 128 6.22 -52.14 4.76
N ARG F 129 6.25 -52.06 6.07
CA ARG F 129 6.73 -53.18 6.89
C ARG F 129 5.98 -53.25 8.22
N ASN F 142 -3.99 -57.05 9.01
CA ASN F 142 -4.47 -56.09 8.02
C ASN F 142 -4.56 -54.68 8.61
N ALA F 143 -4.03 -53.70 7.89
CA ALA F 143 -4.09 -52.31 8.32
C ALA F 143 -4.34 -51.41 7.13
N ASP F 144 -4.80 -50.18 7.38
CA ASP F 144 -5.06 -49.24 6.29
C ASP F 144 -4.72 -47.79 6.62
N ALA F 145 -4.44 -47.02 5.58
CA ALA F 145 -4.07 -45.62 5.72
C ALA F 145 -4.61 -44.80 4.55
N THR F 146 -4.24 -43.52 4.52
CA THR F 146 -4.70 -42.62 3.46
C THR F 146 -3.54 -41.88 2.83
N PHE F 147 -3.57 -41.81 1.51
CA PHE F 147 -2.53 -41.10 0.77
C PHE F 147 -3.07 -39.76 0.30
N LYS F 148 -2.56 -38.69 0.93
CA LYS F 148 -2.97 -37.34 0.61
C LYS F 148 -2.14 -36.75 -0.54
N VAL F 149 -2.84 -36.31 -1.58
CA VAL F 149 -2.21 -35.64 -2.72
C VAL F 149 -2.74 -34.22 -2.85
N GLN F 150 -1.91 -33.25 -2.51
CA GLN F 150 -2.30 -31.85 -2.52
C GLN F 150 -1.58 -31.08 -3.62
N TYR F 151 -2.31 -30.77 -4.70
CA TYR F 151 -1.70 -30.07 -5.82
C TYR F 151 -1.38 -28.63 -5.44
N GLY G 1 -38.64 -11.30 29.13
CA GLY G 1 -37.27 -11.65 29.46
C GLY G 1 -37.16 -12.23 30.85
N VAL G 2 -36.99 -13.55 30.93
CA VAL G 2 -36.89 -14.18 32.24
C VAL G 2 -35.45 -14.50 32.64
N ALA G 3 -35.19 -14.48 33.95
CA ALA G 3 -33.85 -14.66 34.47
C ALA G 3 -33.86 -15.29 35.86
N LEU G 4 -32.84 -16.10 36.14
CA LEU G 4 -32.68 -16.73 37.44
C LEU G 4 -31.96 -15.78 38.40
N GLY G 5 -32.36 -15.81 39.67
CA GLY G 5 -31.83 -14.91 40.67
C GLY G 5 -30.38 -15.19 41.05
N GLN G 15 -29.76 -29.66 54.63
CA GLN G 15 -30.80 -28.74 54.22
C GLN G 15 -31.95 -29.50 53.55
N LYS G 16 -33.18 -29.11 53.88
CA LYS G 16 -34.36 -29.78 53.34
C LYS G 16 -34.71 -29.22 51.96
N GLN G 17 -34.46 -27.94 51.77
CA GLN G 17 -34.76 -27.30 50.49
C GLN G 17 -33.89 -26.06 50.29
N GLU G 18 -33.86 -25.58 49.06
CA GLU G 18 -33.19 -24.33 48.73
C GLU G 18 -34.07 -23.57 47.74
N GLN G 19 -34.01 -22.26 47.77
CA GLN G 19 -34.83 -21.45 46.87
C GLN G 19 -34.00 -20.88 45.73
N LEU G 20 -34.65 -20.64 44.59
CA LEU G 20 -34.01 -20.01 43.44
C LEU G 20 -35.04 -19.14 42.72
N ALA G 21 -34.76 -17.84 42.63
CA ALA G 21 -35.72 -16.89 42.09
C ALA G 21 -35.80 -16.94 40.57
N VAL G 22 -37.00 -16.75 40.03
CA VAL G 22 -37.20 -16.65 38.60
C VAL G 22 -38.06 -15.41 38.32
N THR G 23 -37.57 -14.54 37.45
CA THR G 23 -38.18 -13.23 37.24
C THR G 23 -38.39 -12.85 35.77
N ASN G 24 -39.50 -12.17 35.49
CA ASN G 24 -39.80 -11.69 34.15
C ASN G 24 -39.86 -10.16 34.08
N ASN G 25 -39.46 -9.60 32.94
CA ASN G 25 -39.48 -8.16 32.75
C ASN G 25 -40.76 -7.69 32.07
N ASP G 26 -40.72 -7.68 30.74
CA ASP G 26 -41.85 -7.23 29.94
C ASP G 26 -43.17 -7.74 30.49
N TYR G 31 -44.84 -16.65 29.68
CA TYR G 31 -43.93 -17.78 29.52
C TYR G 31 -44.43 -19.03 30.23
N LEU G 32 -43.97 -20.18 29.74
CA LEU G 32 -44.08 -21.44 30.47
C LEU G 32 -42.69 -21.82 30.93
N ILE G 33 -42.52 -21.93 32.24
CA ILE G 33 -41.23 -22.25 32.84
C ILE G 33 -41.17 -23.70 33.28
N GLN G 34 -40.31 -24.47 32.61
CA GLN G 34 -40.09 -25.88 32.95
C GLN G 34 -38.64 -26.09 33.35
N SER G 35 -38.42 -26.53 34.58
CA SER G 35 -37.07 -26.65 35.11
C SER G 35 -36.80 -28.04 35.69
N TRP G 36 -35.56 -28.50 35.53
CA TRP G 36 -35.17 -29.83 35.99
C TRP G 36 -33.68 -29.89 36.30
N VAL G 37 -33.30 -30.87 37.12
CA VAL G 37 -31.90 -31.04 37.46
C VAL G 37 -31.28 -32.20 36.70
N GLU G 38 -30.02 -32.03 36.31
CA GLU G 38 -29.24 -33.11 35.72
C GLU G 38 -28.02 -33.35 36.57
N ASN G 39 -27.36 -34.49 36.37
CA ASN G 39 -26.11 -34.75 37.07
C ASN G 39 -24.92 -34.30 36.24
N LYS G 44 -30.85 -36.59 33.84
CA LYS G 44 -31.82 -36.21 34.88
C LYS G 44 -32.09 -37.40 35.79
N ASP G 45 -31.22 -37.62 36.77
CA ASP G 45 -31.29 -38.83 37.60
C ASP G 45 -32.22 -38.69 38.81
N GLY G 46 -32.76 -37.49 39.00
CA GLY G 46 -33.74 -37.27 40.04
C GLY G 46 -33.19 -37.32 41.46
N ARG G 47 -31.89 -37.12 41.60
CA ARG G 47 -31.28 -37.03 42.92
C ARG G 47 -31.72 -35.75 43.64
N PHE G 48 -32.11 -34.75 42.84
CA PHE G 48 -32.66 -33.51 43.38
C PHE G 48 -34.02 -33.24 42.73
N ILE G 49 -34.99 -32.84 43.54
CA ILE G 49 -36.34 -32.57 43.02
C ILE G 49 -36.60 -31.06 42.94
N VAL G 50 -37.02 -30.59 41.78
CA VAL G 50 -37.32 -29.16 41.65
C VAL G 50 -38.82 -28.90 41.45
N THR G 51 -39.38 -28.00 42.26
CA THR G 51 -40.80 -27.71 42.21
C THR G 51 -41.07 -26.21 42.14
N PRO G 52 -42.03 -25.80 41.29
CA PRO G 52 -42.76 -26.72 40.41
C PRO G 52 -41.95 -27.03 39.14
N PRO G 53 -42.02 -28.28 38.66
CA PRO G 53 -41.32 -28.70 37.46
C PRO G 53 -41.81 -27.92 36.24
N LEU G 54 -43.04 -27.43 36.31
CA LEU G 54 -43.66 -26.70 35.20
C LEU G 54 -44.72 -25.73 35.69
N PHE G 55 -44.58 -24.45 35.35
CA PHE G 55 -45.55 -23.44 35.79
C PHE G 55 -45.57 -22.22 34.87
N ALA G 56 -46.65 -21.46 34.89
CA ALA G 56 -46.78 -20.31 34.01
C ALA G 56 -46.32 -19.00 34.65
N LYS G 61 -43.56 -10.52 37.18
CA LYS G 61 -43.73 -11.29 38.40
C LYS G 61 -42.42 -11.91 38.84
N GLU G 62 -42.38 -12.41 40.07
CA GLU G 62 -41.24 -13.19 40.53
C GLU G 62 -41.72 -14.43 41.26
N ASN G 63 -41.44 -15.59 40.67
CA ASN G 63 -41.77 -16.85 41.31
C ASN G 63 -40.53 -17.47 41.93
N THR G 64 -40.73 -18.43 42.83
CA THR G 64 -39.60 -19.09 43.48
C THR G 64 -39.60 -20.60 43.28
N LEU G 65 -38.54 -21.10 42.69
CA LEU G 65 -38.35 -22.54 42.54
C LEU G 65 -37.73 -23.11 43.81
N ARG G 66 -38.12 -24.33 44.15
CA ARG G 66 -37.61 -25.00 45.33
C ARG G 66 -36.89 -26.30 44.95
N ILE G 67 -35.64 -26.39 45.36
CA ILE G 67 -34.80 -27.55 45.10
C ILE G 67 -34.63 -28.38 46.36
N LEU G 68 -34.97 -29.66 46.25
CA LEU G 68 -35.01 -30.53 47.41
C LEU G 68 -34.02 -31.68 47.28
N ASP G 69 -33.24 -31.87 48.34
CA ASP G 69 -32.31 -32.99 48.42
C ASP G 69 -33.08 -34.28 48.61
N ALA G 70 -32.91 -35.20 47.67
CA ALA G 70 -33.55 -36.51 47.76
C ALA G 70 -32.53 -37.58 47.39
N THR G 71 -31.28 -37.34 47.78
CA THR G 71 -30.18 -38.23 47.41
C THR G 71 -30.04 -39.40 48.38
N ASN G 72 -30.90 -39.40 49.40
CA ASN G 72 -30.86 -40.44 50.44
C ASN G 72 -29.49 -40.55 51.09
N PHE G 83 -24.00 -30.98 39.97
CA PHE G 83 -25.26 -31.12 39.25
C PHE G 83 -25.54 -29.86 38.45
N TRP G 84 -26.63 -29.87 37.69
CA TRP G 84 -27.00 -28.74 36.85
C TRP G 84 -28.48 -28.41 36.98
N MET G 85 -28.76 -27.16 37.33
CA MET G 85 -30.13 -26.65 37.32
C MET G 85 -30.44 -26.10 35.93
N ASN G 86 -31.52 -26.60 35.33
CA ASN G 86 -31.90 -26.17 33.99
C ASN G 86 -33.30 -25.55 34.01
N VAL G 87 -33.38 -24.25 33.76
CA VAL G 87 -34.68 -23.59 33.70
C VAL G 87 -35.00 -23.12 32.29
N LYS G 88 -36.05 -23.70 31.71
CA LYS G 88 -36.44 -23.42 30.33
C LYS G 88 -37.67 -22.52 30.23
N ALA G 89 -37.46 -21.32 29.67
CA ALA G 89 -38.51 -20.35 29.45
C ALA G 89 -39.07 -20.46 28.04
N ILE G 90 -40.38 -20.71 27.93
CA ILE G 90 -41.02 -20.89 26.64
C ILE G 90 -42.08 -19.84 26.37
N PRO G 91 -41.85 -18.99 25.35
CA PRO G 91 -42.85 -17.96 25.01
C PRO G 91 -44.20 -18.61 24.66
N SER G 92 -45.25 -17.79 24.64
CA SER G 92 -46.58 -18.28 24.29
C SER G 92 -47.45 -17.15 23.76
N ASN G 101 -43.47 -17.30 7.83
CA ASN G 101 -42.24 -18.00 8.21
C ASN G 101 -41.54 -17.33 9.40
N THR G 102 -41.80 -17.84 10.60
CA THR G 102 -41.19 -17.29 11.82
C THR G 102 -40.42 -18.35 12.61
N LEU G 103 -39.27 -17.95 13.15
CA LEU G 103 -38.46 -18.84 13.98
C LEU G 103 -38.72 -18.57 15.46
N GLN G 104 -39.49 -19.44 16.09
CA GLN G 104 -39.72 -19.34 17.53
C GLN G 104 -38.47 -19.81 18.27
N LEU G 105 -38.26 -19.31 19.48
CA LEU G 105 -37.08 -19.67 20.25
C LEU G 105 -37.37 -19.77 21.75
N ALA G 106 -37.06 -20.93 22.34
CA ALA G 106 -37.12 -21.08 23.79
C ALA G 106 -35.72 -20.81 24.35
N ILE G 107 -35.65 -20.41 25.62
CA ILE G 107 -34.35 -20.14 26.23
C ILE G 107 -34.11 -21.08 27.41
N ILE G 108 -32.87 -21.52 27.55
CA ILE G 108 -32.51 -22.35 28.69
C ILE G 108 -31.41 -21.69 29.50
N SER G 109 -31.65 -21.54 30.80
CA SER G 109 -30.62 -21.09 31.71
C SER G 109 -30.09 -22.31 32.46
N ARG G 110 -28.80 -22.58 32.30
CA ARG G 110 -28.19 -23.73 32.93
C ARG G 110 -27.12 -23.29 33.92
N ILE G 111 -27.37 -23.49 35.21
CA ILE G 111 -26.42 -23.08 36.23
C ILE G 111 -25.94 -24.25 37.07
N LYS G 112 -24.76 -24.10 37.68
CA LYS G 112 -24.19 -25.17 38.49
C LYS G 112 -24.96 -25.34 39.81
N LEU G 113 -25.21 -26.60 40.17
CA LEU G 113 -25.82 -26.95 41.46
C LEU G 113 -24.84 -27.81 42.26
N TYR G 114 -24.21 -27.21 43.26
CA TYR G 114 -23.15 -27.87 44.01
C TYR G 114 -23.64 -28.49 45.30
N TYR G 115 -23.55 -29.82 45.40
CA TYR G 115 -23.88 -30.50 46.65
C TYR G 115 -22.68 -30.49 47.58
N CYS H 14 -29.09 -13.00 33.92
CA CYS H 14 -29.54 -12.07 32.91
C CYS H 14 -30.95 -12.39 32.43
N ALA H 15 -31.71 -11.36 32.09
CA ALA H 15 -32.97 -11.54 31.38
C ALA H 15 -32.68 -11.61 29.89
N VAL H 16 -32.96 -12.76 29.28
CA VAL H 16 -32.68 -12.97 27.87
C VAL H 16 -33.85 -12.55 26.97
N ASP H 17 -33.53 -11.88 25.87
CA ASP H 17 -34.54 -11.50 24.89
C ASP H 17 -34.07 -11.88 23.48
N ALA H 18 -35.01 -12.05 22.56
CA ALA H 18 -34.68 -12.46 21.21
C ALA H 18 -35.59 -11.80 20.18
N VAL H 25 -38.60 -14.61 15.18
CA VAL H 25 -37.75 -14.07 14.12
C VAL H 25 -38.36 -14.32 12.75
N GLN H 26 -38.69 -13.24 12.05
CA GLN H 26 -39.31 -13.34 10.73
C GLN H 26 -38.32 -13.82 9.66
N LEU H 27 -38.57 -15.02 9.14
CA LEU H 27 -37.70 -15.61 8.13
C LEU H 27 -38.14 -15.23 6.71
N GLY H 28 -39.24 -14.49 6.61
CA GLY H 28 -39.75 -14.09 5.32
C GLY H 28 -40.17 -15.26 4.47
N GLN H 29 -40.67 -14.97 3.27
CA GLN H 29 -41.17 -15.98 2.35
C GLN H 29 -40.12 -17.04 2.00
N VAL H 30 -40.59 -18.15 1.42
CA VAL H 30 -39.73 -19.26 1.01
C VAL H 30 -39.82 -19.43 -0.50
N ARG H 31 -39.04 -18.65 -1.23
CA ARG H 31 -39.05 -18.75 -2.69
C ARG H 31 -38.83 -20.21 -3.11
N THR H 32 -39.05 -20.50 -4.39
CA THR H 32 -38.89 -21.85 -4.90
C THR H 32 -38.32 -21.85 -6.31
N GLN H 37 -32.69 -25.97 -4.87
CA GLN H 37 -31.70 -27.04 -4.87
C GLN H 37 -30.79 -26.96 -3.64
N GLU H 38 -30.10 -28.04 -3.35
CA GLU H 38 -29.24 -28.11 -2.18
C GLU H 38 -27.90 -27.42 -2.42
N PHE H 47 -30.96 -11.12 13.72
CA PHE H 47 -31.69 -10.93 14.96
C PHE H 47 -30.74 -10.88 16.15
N ASN H 48 -31.05 -10.07 17.15
CA ASN H 48 -30.17 -9.92 18.30
C ASN H 48 -30.72 -10.52 19.58
N ILE H 49 -29.90 -11.34 20.25
CA ILE H 49 -30.23 -11.82 21.58
C ILE H 49 -29.67 -10.83 22.59
N GLN H 50 -30.46 -10.52 23.61
CA GLN H 50 -30.04 -9.51 24.58
C GLN H 50 -30.04 -10.05 26.01
N LEU H 51 -28.91 -9.90 26.67
CA LEU H 51 -28.79 -10.23 28.10
C LEU H 51 -28.86 -8.94 28.92
N ASN H 52 -29.98 -8.75 29.61
CA ASN H 52 -30.22 -7.51 30.33
C ASN H 52 -30.30 -7.69 31.84
N ASP H 53 -30.31 -6.57 32.56
CA ASP H 53 -30.50 -6.57 34.01
C ASP H 53 -29.52 -7.48 34.74
N CYS H 54 -28.27 -7.53 34.28
CA CYS H 54 -27.27 -8.37 34.93
C CYS H 54 -25.88 -7.76 34.79
N ASP H 55 -25.02 -8.03 35.77
CA ASP H 55 -23.64 -7.55 35.74
C ASP H 55 -22.98 -7.97 34.43
N THR H 56 -22.39 -7.00 33.73
CA THR H 56 -21.76 -7.25 32.44
C THR H 56 -20.70 -8.35 32.52
N ALA H 65 -25.24 -21.58 23.54
CA ALA H 65 -25.35 -22.52 22.42
C ALA H 65 -26.79 -22.61 21.93
N PHE H 66 -26.97 -23.29 20.79
CA PHE H 66 -28.31 -23.50 20.24
C PHE H 66 -28.69 -24.98 20.21
N LEU H 67 -29.89 -25.29 20.68
CA LEU H 67 -30.40 -26.65 20.65
C LEU H 67 -31.61 -26.75 19.72
N GLY H 68 -31.69 -27.85 18.99
CA GLY H 68 -32.80 -28.07 18.08
C GLY H 68 -32.70 -29.40 17.35
N THR H 69 -33.84 -29.93 16.94
CA THR H 69 -33.86 -31.20 16.23
C THR H 69 -33.48 -30.98 14.76
N ALA H 70 -32.50 -31.73 14.29
CA ALA H 70 -32.02 -31.57 12.92
C ALA H 70 -33.08 -31.99 11.91
N ILE H 71 -33.01 -31.43 10.70
CA ILE H 71 -33.98 -31.75 9.66
C ILE H 71 -33.95 -33.25 9.33
N ASP H 72 -32.74 -33.83 9.31
CA ASP H 72 -32.56 -35.25 9.10
C ASP H 72 -31.15 -35.64 9.51
N ALA H 73 -30.89 -36.94 9.57
CA ALA H 73 -29.57 -37.42 10.00
C ALA H 73 -28.46 -36.86 9.10
N GLY H 74 -28.82 -36.45 7.90
CA GLY H 74 -27.85 -35.96 6.94
C GLY H 74 -27.38 -34.54 7.21
N HIS H 75 -28.23 -33.75 7.87
CA HIS H 75 -27.91 -32.36 8.12
C HIS H 75 -28.23 -31.99 9.56
N THR H 76 -27.28 -32.22 10.45
CA THR H 76 -27.52 -32.04 11.88
C THR H 76 -27.36 -30.59 12.34
N ASN H 77 -26.81 -29.75 11.49
CA ASN H 77 -26.68 -28.33 11.82
C ASN H 77 -27.83 -27.52 11.24
N VAL H 78 -28.81 -28.21 10.67
CA VAL H 78 -29.99 -27.57 10.10
C VAL H 78 -31.25 -27.99 10.84
N ALA H 89 -43.49 -27.25 4.09
CA ALA H 89 -42.52 -27.34 3.01
C ALA H 89 -41.54 -28.48 3.27
N THR H 90 -41.01 -29.07 2.20
CA THR H 90 -40.10 -30.19 2.35
C THR H 90 -38.75 -29.91 1.68
N ASN H 91 -37.72 -30.59 2.17
CA ASN H 91 -36.36 -30.41 1.66
C ASN H 91 -35.85 -29.01 1.93
N VAL H 92 -36.37 -28.42 3.01
CA VAL H 92 -35.93 -27.11 3.46
C VAL H 92 -35.91 -27.08 4.98
N GLY H 93 -34.88 -26.47 5.55
CA GLY H 93 -34.79 -26.34 6.99
C GLY H 93 -34.29 -24.95 7.35
N VAL H 94 -34.15 -24.68 8.64
CA VAL H 94 -33.62 -23.40 9.09
C VAL H 94 -32.23 -23.57 9.68
N GLN H 95 -31.34 -22.64 9.35
CA GLN H 95 -29.96 -22.68 9.79
C GLN H 95 -29.64 -21.37 10.52
N ILE H 96 -28.89 -21.49 11.61
CA ILE H 96 -28.53 -20.32 12.41
C ILE H 96 -27.03 -20.01 12.36
N ALA H 103 -22.39 -21.06 10.02
CA ALA H 103 -23.54 -21.79 10.58
C ALA H 103 -23.17 -22.40 11.93
N LEU H 104 -24.13 -22.38 12.86
CA LEU H 104 -23.92 -22.93 14.19
C LEU H 104 -24.48 -24.35 14.30
N THR H 105 -23.85 -25.17 15.12
CA THR H 105 -24.34 -26.52 15.41
C THR H 105 -25.63 -26.45 16.24
N LEU H 106 -26.27 -27.59 16.42
CA LEU H 106 -27.54 -27.64 17.14
C LEU H 106 -27.55 -28.61 18.30
N ASP H 107 -26.36 -28.93 18.81
CA ASP H 107 -26.24 -29.80 19.96
C ASP H 107 -25.85 -29.00 21.20
N GLY H 108 -25.50 -29.70 22.27
CA GLY H 108 -25.06 -29.06 23.49
C GLY H 108 -23.68 -28.46 23.33
N ALA H 109 -23.26 -28.24 22.08
CA ALA H 109 -21.96 -27.67 21.79
C ALA H 109 -21.93 -26.17 22.11
N THR H 123 -25.50 -7.39 24.26
CA THR H 123 -26.22 -7.99 23.13
C THR H 123 -25.31 -8.84 22.23
N ILE H 124 -25.89 -9.88 21.65
CA ILE H 124 -25.18 -10.76 20.73
C ILE H 124 -25.95 -10.89 19.43
N PRO H 125 -25.29 -10.58 18.29
CA PRO H 125 -25.93 -10.67 16.97
C PRO H 125 -25.95 -12.10 16.44
N PHE H 126 -26.99 -12.42 15.68
CA PHE H 126 -27.12 -13.71 15.03
C PHE H 126 -27.86 -13.57 13.69
N GLN H 127 -27.86 -14.65 12.92
CA GLN H 127 -28.58 -14.67 11.66
C GLN H 127 -29.33 -15.99 11.50
N ALA H 128 -30.37 -15.98 10.68
CA ALA H 128 -31.13 -17.18 10.38
C ALA H 128 -31.49 -17.21 8.91
N ARG H 129 -31.41 -18.38 8.29
CA ARG H 129 -31.74 -18.51 6.88
C ARG H 129 -32.35 -19.87 6.58
N TYR H 130 -32.81 -20.05 5.35
CA TYR H 130 -33.32 -21.35 4.91
C TYR H 130 -32.25 -22.12 4.16
N PHE H 131 -32.26 -23.44 4.31
CA PHE H 131 -31.36 -24.33 3.57
C PHE H 131 -32.17 -25.36 2.78
N ALA H 132 -31.82 -25.55 1.51
CA ALA H 132 -32.60 -26.39 0.60
C ALA H 132 -31.96 -27.73 0.31
N THR H 133 -32.77 -28.67 -0.17
CA THR H 133 -32.28 -29.99 -0.56
C THR H 133 -33.23 -30.69 -1.54
N GLY H 134 -33.93 -29.90 -2.36
CA GLY H 134 -34.86 -30.44 -3.32
C GLY H 134 -36.15 -29.63 -3.41
N GLY H 139 -44.58 -25.23 1.27
CA GLY H 139 -45.48 -25.56 2.36
C GLY H 139 -45.17 -24.77 3.62
N ALA H 140 -45.47 -25.35 4.77
CA ALA H 140 -45.19 -24.73 6.05
C ALA H 140 -43.78 -24.14 6.07
N ALA H 141 -43.62 -22.99 6.72
CA ALA H 141 -42.34 -22.30 6.73
C ALA H 141 -41.97 -21.78 8.12
N ASN H 142 -42.50 -22.42 9.15
CA ASN H 142 -42.21 -22.04 10.54
C ASN H 142 -41.38 -23.11 11.25
N ALA H 143 -40.36 -22.68 11.98
CA ALA H 143 -39.51 -23.61 12.73
C ALA H 143 -39.12 -22.99 14.06
N ASP H 144 -38.67 -23.82 15.00
CA ASP H 144 -38.28 -23.32 16.32
C ASP H 144 -37.09 -24.05 16.93
N ALA H 145 -36.38 -23.36 17.82
CA ALA H 145 -35.20 -23.91 18.48
C ALA H 145 -35.10 -23.38 19.90
N THR H 146 -33.99 -23.69 20.56
CA THR H 146 -33.78 -23.27 21.93
C THR H 146 -32.42 -22.61 22.09
N PHE H 147 -32.40 -21.50 22.81
CA PHE H 147 -31.14 -20.80 23.08
C PHE H 147 -30.70 -21.11 24.50
N LYS H 148 -29.63 -21.87 24.62
CA LYS H 148 -29.08 -22.25 25.93
C LYS H 148 -28.11 -21.19 26.44
N VAL H 149 -28.35 -20.71 27.65
CA VAL H 149 -27.44 -19.76 28.30
C VAL H 149 -26.94 -20.36 29.61
N GLN H 150 -25.68 -20.78 29.61
CA GLN H 150 -25.09 -21.43 30.79
C GLN H 150 -24.08 -20.52 31.49
#